data_1A12
#
_entry.id   1A12
#
_cell.length_a   48.957
_cell.length_b   82.903
_cell.length_c   83.105
_cell.angle_alpha   112.88
_cell.angle_beta   104.09
_cell.angle_gamma   103.42
#
_symmetry.space_group_name_H-M   'P 1'
#
loop_
_entity.id
_entity.type
_entity.pdbx_description
1 polymer 'REGULATOR OF CHROMOSOME CONDENSATION 1'
2 water water
#
_entity_poly.entity_id   1
_entity_poly.type   'polypeptide(L)'
_entity_poly.pdbx_seq_one_letter_code
;RRSPPADAIPKSKKVKVSHRSHSTEPGLVLTLGQGDVGQLGLGENVMERKKPALVSIPEDVVQAEAGGMHTVCLSKSGQV
YSFGCNDEGALGRDTSVEGSEMVPGKVELQEKVVQVSAGDSHTAALTDDGRVFLWGSFRDNNGVIGLLEPMKKSMVPVQV
QLDVPVVKVASGNDHLVMLTADGDLYTLGCGEQGQLGRVPELFANRGGRQGLERLLVPKCVMLKSRGSRGHVRFQDAFCG
AYFTFAISHEGHVYGFGLSNYHQLGTPGTESCFIPQNLTSFKNSTKSWVGFSGGQHHTVCMDSEGKAYSLGRAEYGRLGL
GEGAEEKSIPTLISRLPAVSSVACGASVGYAVTKDGRVFAWGMGTNYQLGTGQDEDAWSPVEMMGKQLENRVVLSVSSGG
QHTVLLVKDKEQS
;
_entity_poly.pdbx_strand_id   A,B,C
#
# COMPACT_ATOMS: atom_id res chain seq x y z
N LYS A 13 33.97 10.81 -7.57
CA LYS A 13 32.99 10.37 -8.62
C LYS A 13 31.60 10.97 -8.36
N LYS A 14 31.05 11.56 -9.42
CA LYS A 14 29.72 12.19 -9.37
C LYS A 14 28.66 11.10 -9.10
N VAL A 15 28.49 10.84 -7.82
CA VAL A 15 27.55 9.83 -7.31
C VAL A 15 26.11 10.27 -7.59
N LYS A 16 25.34 9.36 -8.16
CA LYS A 16 23.93 9.61 -8.48
C LYS A 16 23.07 9.46 -7.23
N VAL A 17 21.99 10.23 -7.20
CA VAL A 17 20.98 10.12 -6.15
C VAL A 17 19.63 9.93 -6.82
N SER A 18 18.68 9.36 -6.11
CA SER A 18 17.31 9.27 -6.63
C SER A 18 16.36 9.72 -5.51
N HIS A 19 15.09 9.40 -5.66
CA HIS A 19 14.10 9.70 -4.65
C HIS A 19 12.80 8.99 -5.05
N ARG A 20 11.96 8.70 -4.07
CA ARG A 20 10.73 7.98 -4.40
C ARG A 20 9.79 8.86 -5.21
N SER A 21 9.95 10.17 -5.16
CA SER A 21 9.12 11.08 -5.93
C SER A 21 9.50 11.17 -7.38
N HIS A 22 10.67 10.68 -7.80
CA HIS A 22 11.11 10.89 -9.19
C HIS A 22 10.30 10.00 -10.14
N SER A 23 9.85 10.56 -11.24
CA SER A 23 9.01 9.84 -12.19
C SER A 23 9.83 9.11 -13.23
N THR A 24 9.42 7.89 -13.58
CA THR A 24 10.16 7.07 -14.51
C THR A 24 9.35 6.53 -15.67
N GLU A 25 8.04 6.64 -15.68
CA GLU A 25 7.21 5.97 -16.68
C GLU A 25 6.95 6.85 -17.89
N PRO A 26 7.38 6.41 -19.08
CA PRO A 26 7.26 7.18 -20.30
C PRO A 26 5.82 7.40 -20.74
N GLY A 27 5.50 8.60 -21.21
CA GLY A 27 4.17 8.91 -21.68
C GLY A 27 4.12 10.04 -22.70
N LEU A 28 2.90 10.36 -23.08
CA LEU A 28 2.56 11.42 -24.02
C LEU A 28 1.93 12.58 -23.22
N VAL A 29 2.13 13.79 -23.70
CA VAL A 29 1.62 14.97 -23.06
C VAL A 29 0.33 15.47 -23.71
N LEU A 30 -0.69 15.74 -22.90
CA LEU A 30 -1.89 16.41 -23.37
C LEU A 30 -2.07 17.72 -22.61
N THR A 31 -2.59 18.74 -23.28
CA THR A 31 -2.87 20.01 -22.61
C THR A 31 -4.31 20.43 -22.91
N LEU A 32 -4.82 21.31 -22.04
CA LEU A 32 -6.18 21.85 -22.25
C LEU A 32 -6.35 23.14 -21.46
N GLY A 33 -7.36 23.93 -21.77
CA GLY A 33 -7.54 25.24 -21.13
C GLY A 33 -7.10 26.36 -22.06
N GLN A 34 -6.64 27.46 -21.50
CA GLN A 34 -6.24 28.63 -22.26
C GLN A 34 -4.79 28.54 -22.73
N GLY A 35 -4.54 29.05 -23.96
CA GLY A 35 -3.19 28.99 -24.52
C GLY A 35 -2.75 30.27 -25.17
N ASP A 36 -3.22 31.41 -24.68
CA ASP A 36 -2.90 32.71 -25.23
C ASP A 36 -1.41 32.98 -25.35
N VAL A 37 -0.63 32.55 -24.36
CA VAL A 37 0.78 32.90 -24.30
C VAL A 37 1.68 31.68 -24.55
N GLY A 38 1.12 30.63 -25.11
CA GLY A 38 1.85 29.49 -25.58
C GLY A 38 1.86 28.30 -24.65
N GLN A 39 1.15 28.38 -23.52
CA GLN A 39 1.19 27.31 -22.53
C GLN A 39 0.57 26.01 -22.94
N LEU A 40 -0.25 25.97 -23.99
CA LEU A 40 -0.79 24.72 -24.51
C LEU A 40 0.23 24.00 -25.40
N GLY A 41 1.17 24.78 -25.95
CA GLY A 41 2.23 24.22 -26.78
C GLY A 41 1.73 23.69 -28.11
N LEU A 42 0.62 24.25 -28.60
CA LEU A 42 0.04 23.77 -29.84
C LEU A 42 0.17 24.78 -30.97
N GLY A 43 1.12 25.70 -30.88
CA GLY A 43 1.36 26.69 -31.92
C GLY A 43 0.61 27.99 -31.78
N GLU A 44 0.82 28.89 -32.74
CA GLU A 44 0.28 30.23 -32.71
C GLU A 44 -1.21 30.33 -32.97
N ASN A 45 -1.81 29.29 -33.51
CA ASN A 45 -3.21 29.32 -33.92
C ASN A 45 -4.15 28.73 -32.90
N VAL A 46 -3.63 27.96 -31.96
CA VAL A 46 -4.49 27.27 -30.98
C VAL A 46 -4.47 27.98 -29.64
N MET A 47 -5.47 28.83 -29.40
CA MET A 47 -5.52 29.69 -28.24
C MET A 47 -6.32 29.07 -27.09
N GLU A 48 -7.07 28.02 -27.40
CA GLU A 48 -7.92 27.40 -26.39
C GLU A 48 -8.27 25.97 -26.77
N ARG A 49 -8.24 25.07 -25.78
CA ARG A 49 -8.66 23.69 -26.03
C ARG A 49 -9.65 23.26 -24.95
N LYS A 50 -10.87 22.92 -25.34
CA LYS A 50 -11.89 22.58 -24.34
C LYS A 50 -11.74 21.16 -23.83
N LYS A 51 -11.05 20.32 -24.58
CA LYS A 51 -10.78 18.94 -24.17
C LYS A 51 -9.29 18.66 -24.42
N PRO A 52 -8.71 17.71 -23.73
CA PRO A 52 -7.29 17.44 -23.80
C PRO A 52 -6.79 17.23 -25.22
N ALA A 53 -5.69 17.89 -25.56
CA ALA A 53 -5.13 17.78 -26.91
C ALA A 53 -3.67 17.30 -26.82
N LEU A 54 -3.29 16.45 -27.77
CA LEU A 54 -1.94 15.92 -27.80
C LEU A 54 -0.90 16.91 -28.26
N VAL A 55 0.15 17.07 -27.45
CA VAL A 55 1.25 17.96 -27.78
C VAL A 55 2.43 17.11 -28.27
N SER A 56 2.90 17.34 -29.47
CA SER A 56 4.03 16.55 -29.98
C SER A 56 5.33 16.93 -29.28
N ILE A 57 5.93 15.95 -28.61
CA ILE A 57 7.31 16.13 -28.06
C ILE A 57 8.20 15.11 -28.73
N PRO A 58 9.42 15.48 -29.10
CA PRO A 58 10.33 14.59 -29.82
C PRO A 58 10.63 13.29 -29.11
N GLU A 59 10.50 13.25 -27.79
CA GLU A 59 10.79 12.08 -26.99
C GLU A 59 9.63 11.74 -26.04
N ASP A 60 9.70 10.55 -25.46
CA ASP A 60 8.74 10.17 -24.40
C ASP A 60 9.03 11.07 -23.16
N VAL A 61 7.98 11.36 -22.44
CA VAL A 61 8.08 12.27 -21.28
C VAL A 61 7.73 11.52 -20.01
N VAL A 62 8.54 11.72 -18.96
CA VAL A 62 8.29 11.08 -17.67
C VAL A 62 7.65 12.02 -16.68
N GLN A 63 7.76 13.33 -16.86
CA GLN A 63 7.16 14.29 -15.94
C GLN A 63 6.69 15.52 -16.70
N ALA A 64 5.44 15.93 -16.46
CA ALA A 64 4.93 17.13 -17.18
C ALA A 64 4.34 18.09 -16.15
N GLU A 65 4.91 19.28 -16.03
CA GLU A 65 4.49 20.24 -15.04
C GLU A 65 3.91 21.52 -15.66
N ALA A 66 2.85 22.00 -14.99
CA ALA A 66 2.28 23.30 -15.38
C ALA A 66 2.80 24.39 -14.46
N GLY A 67 3.44 25.39 -15.04
CA GLY A 67 3.76 26.62 -14.33
C GLY A 67 2.51 27.51 -14.32
N GLY A 68 2.68 28.78 -14.00
CA GLY A 68 1.50 29.68 -14.00
C GLY A 68 0.94 29.80 -15.41
N MET A 69 1.82 30.08 -16.36
CA MET A 69 1.46 30.37 -17.75
C MET A 69 2.52 29.77 -18.69
N HIS A 70 3.13 28.68 -18.22
CA HIS A 70 4.09 27.92 -19.03
C HIS A 70 4.02 26.44 -18.66
N THR A 71 4.68 25.61 -19.43
CA THR A 71 4.67 24.16 -19.25
C THR A 71 6.05 23.55 -19.48
N VAL A 72 6.42 22.65 -18.59
CA VAL A 72 7.79 22.08 -18.59
C VAL A 72 7.68 20.56 -18.62
N CYS A 73 8.29 19.93 -19.62
CA CYS A 73 8.23 18.50 -19.80
C CYS A 73 9.61 17.86 -19.73
N LEU A 74 9.75 16.86 -18.88
CA LEU A 74 11.04 16.18 -18.71
C LEU A 74 11.04 14.87 -19.49
N SER A 75 11.98 14.74 -20.44
CA SER A 75 12.04 13.52 -21.24
C SER A 75 12.61 12.36 -20.42
N LYS A 76 12.34 11.15 -20.89
CA LYS A 76 12.92 9.94 -20.36
C LYS A 76 14.45 9.98 -20.41
N SER A 77 15.02 10.64 -21.42
CA SER A 77 16.46 10.74 -21.54
C SER A 77 17.07 11.84 -20.70
N GLY A 78 16.26 12.63 -20.00
CA GLY A 78 16.80 13.64 -19.10
C GLY A 78 16.82 15.03 -19.70
N GLN A 79 16.14 15.21 -20.85
CA GLN A 79 16.09 16.54 -21.45
C GLN A 79 14.82 17.29 -21.11
N VAL A 80 14.92 18.61 -21.07
CA VAL A 80 13.80 19.46 -20.71
C VAL A 80 13.25 20.21 -21.91
N TYR A 81 11.94 20.14 -22.11
CA TYR A 81 11.24 20.91 -23.14
C TYR A 81 10.27 21.88 -22.49
N SER A 82 10.14 23.10 -22.99
CA SER A 82 9.30 24.10 -22.34
C SER A 82 8.51 24.89 -23.39
N PHE A 83 7.39 25.44 -22.96
CA PHE A 83 6.54 26.24 -23.86
C PHE A 83 5.62 27.13 -23.04
N GLY A 84 5.37 28.36 -23.53
CA GLY A 84 4.58 29.29 -22.72
C GLY A 84 5.24 30.65 -22.66
N CYS A 85 4.82 31.47 -21.71
CA CYS A 85 5.30 32.81 -21.53
C CYS A 85 6.75 32.85 -21.09
N ASN A 86 7.57 33.55 -21.90
CA ASN A 86 8.99 33.65 -21.62
C ASN A 86 9.43 35.07 -21.37
N ASP A 87 8.54 35.94 -20.92
CA ASP A 87 8.86 37.33 -20.64
C ASP A 87 9.88 37.45 -19.52
N GLU A 88 9.84 36.51 -18.57
CA GLU A 88 10.73 36.53 -17.44
C GLU A 88 11.81 35.46 -17.52
N GLY A 89 11.85 34.70 -18.60
CA GLY A 89 12.87 33.68 -18.79
C GLY A 89 12.48 32.31 -18.26
N ALA A 90 11.19 32.10 -17.96
CA ALA A 90 10.74 30.82 -17.41
C ALA A 90 10.99 29.64 -18.30
N LEU A 91 11.05 29.84 -19.62
CA LEU A 91 11.26 28.75 -20.55
C LEU A 91 12.71 28.26 -20.59
N GLY A 92 13.65 29.09 -20.17
CA GLY A 92 15.06 28.67 -20.13
C GLY A 92 15.66 28.43 -21.49
N ARG A 93 15.17 29.13 -22.50
CA ARG A 93 15.63 28.95 -23.88
C ARG A 93 15.22 30.19 -24.70
N ASP A 94 15.95 30.40 -25.78
CA ASP A 94 15.84 31.65 -26.54
C ASP A 94 14.63 31.66 -27.46
N THR A 95 13.69 32.57 -27.20
CA THR A 95 12.46 32.62 -28.00
C THR A 95 12.39 33.93 -28.76
N SER A 96 13.57 34.39 -29.23
CA SER A 96 13.64 35.60 -30.04
C SER A 96 12.80 35.47 -31.31
N VAL A 97 12.85 34.30 -31.93
CA VAL A 97 12.03 34.01 -33.10
C VAL A 97 10.54 34.07 -32.76
N GLU A 98 9.81 34.91 -33.48
CA GLU A 98 8.37 35.04 -33.28
C GLU A 98 7.66 33.69 -33.30
N GLY A 99 6.86 33.42 -32.26
CA GLY A 99 6.11 32.21 -32.14
C GLY A 99 6.81 31.02 -31.61
N SER A 100 8.15 31.08 -31.40
CA SER A 100 8.91 29.95 -30.96
C SER A 100 8.54 29.48 -29.55
N GLU A 101 7.86 30.30 -28.79
CA GLU A 101 7.46 29.95 -27.42
C GLU A 101 6.11 29.23 -27.41
N MET A 102 5.46 29.16 -28.57
CA MET A 102 4.13 28.54 -28.63
C MET A 102 4.19 27.05 -28.89
N VAL A 103 5.38 26.50 -29.12
CA VAL A 103 5.52 25.04 -29.35
C VAL A 103 6.70 24.57 -28.47
N PRO A 104 6.75 23.30 -28.14
CA PRO A 104 7.83 22.78 -27.31
C PRO A 104 9.19 23.13 -27.90
N GLY A 105 10.12 23.52 -27.05
CA GLY A 105 11.51 23.75 -27.49
C GLY A 105 12.43 23.18 -26.40
N LYS A 106 13.65 22.82 -26.78
CA LYS A 106 14.56 22.18 -25.82
C LYS A 106 15.36 23.20 -25.04
N VAL A 107 15.50 22.96 -23.73
CA VAL A 107 16.38 23.77 -22.91
C VAL A 107 17.82 23.22 -23.08
N GLU A 108 18.75 24.11 -23.38
CA GLU A 108 20.14 23.64 -23.58
C GLU A 108 20.82 23.45 -22.22
N LEU A 109 20.87 22.21 -21.76
CA LEU A 109 21.50 21.92 -20.46
C LEU A 109 22.12 20.53 -20.51
N GLN A 110 23.43 20.43 -20.47
CA GLN A 110 24.13 19.17 -20.62
C GLN A 110 24.18 18.39 -19.30
N GLU A 111 22.98 18.11 -18.78
CA GLU A 111 22.82 17.39 -17.53
C GLU A 111 21.68 16.38 -17.71
N LYS A 112 21.74 15.28 -17.00
CA LYS A 112 20.62 14.31 -17.04
C LYS A 112 19.63 14.72 -15.93
N VAL A 113 18.58 15.42 -16.32
CA VAL A 113 17.63 15.93 -15.31
C VAL A 113 16.68 14.84 -14.88
N VAL A 114 16.38 14.69 -13.58
CA VAL A 114 15.55 13.61 -13.08
C VAL A 114 14.23 14.10 -12.48
N GLN A 115 14.11 15.40 -12.28
CA GLN A 115 12.86 15.99 -11.78
C GLN A 115 12.82 17.49 -12.10
N VAL A 116 11.63 18.02 -12.33
CA VAL A 116 11.40 19.44 -12.57
C VAL A 116 10.31 20.00 -11.65
N SER A 117 10.26 21.31 -11.57
CA SER A 117 9.17 22.01 -10.86
C SER A 117 8.99 23.36 -11.56
N ALA A 118 7.80 23.94 -11.45
CA ALA A 118 7.57 25.20 -12.22
C ALA A 118 6.65 26.11 -11.43
N GLY A 119 6.97 27.40 -11.39
CA GLY A 119 6.09 28.38 -10.74
C GLY A 119 5.57 29.39 -11.78
N ASP A 120 5.27 30.58 -11.29
CA ASP A 120 4.65 31.64 -12.13
C ASP A 120 5.62 32.14 -13.19
N SER A 121 6.89 32.33 -12.80
CA SER A 121 7.87 32.93 -13.69
C SER A 121 9.21 32.18 -13.63
N HIS A 122 9.22 31.04 -12.94
CA HIS A 122 10.44 30.28 -12.78
C HIS A 122 10.26 28.79 -13.04
N THR A 123 11.37 28.11 -13.33
CA THR A 123 11.44 26.67 -13.49
C THR A 123 12.71 26.16 -12.78
N ALA A 124 12.61 24.99 -12.17
CA ALA A 124 13.79 24.37 -11.54
C ALA A 124 13.93 22.96 -12.05
N ALA A 125 15.15 22.47 -12.08
CA ALA A 125 15.47 21.14 -12.54
C ALA A 125 16.50 20.51 -11.59
N LEU A 126 16.34 19.23 -11.36
CA LEU A 126 17.25 18.50 -10.46
C LEU A 126 18.08 17.50 -11.26
N THR A 127 19.41 17.57 -11.14
CA THR A 127 20.23 16.65 -11.94
C THR A 127 20.26 15.26 -11.28
N ASP A 128 20.78 14.27 -12.01
CA ASP A 128 20.92 12.93 -11.46
C ASP A 128 21.90 12.83 -10.31
N ASP A 129 22.80 13.77 -10.10
CA ASP A 129 23.68 13.78 -8.94
C ASP A 129 23.27 14.75 -7.85
N GLY A 130 22.05 15.32 -7.93
CA GLY A 130 21.54 16.13 -6.85
C GLY A 130 21.87 17.59 -6.86
N ARG A 131 22.16 18.16 -8.01
CA ARG A 131 22.38 19.61 -8.14
C ARG A 131 21.14 20.24 -8.80
N VAL A 132 20.80 21.45 -8.34
CA VAL A 132 19.58 22.10 -8.87
C VAL A 132 19.94 23.17 -9.88
N PHE A 133 19.22 23.24 -10.98
CA PHE A 133 19.32 24.37 -11.93
C PHE A 133 18.02 25.17 -11.89
N LEU A 134 18.15 26.49 -11.89
CA LEU A 134 16.92 27.34 -11.75
C LEU A 134 16.99 28.40 -12.85
N TRP A 135 15.84 28.81 -13.38
CA TRP A 135 15.85 29.91 -14.35
C TRP A 135 14.55 30.70 -14.31
N GLY A 136 14.55 31.88 -14.92
CA GLY A 136 13.38 32.76 -14.86
C GLY A 136 13.57 33.80 -13.77
N SER A 137 12.50 34.10 -13.02
CA SER A 137 12.58 35.03 -11.90
C SER A 137 11.42 34.78 -10.94
N PHE A 138 11.51 35.35 -9.76
CA PHE A 138 10.48 35.34 -8.75
C PHE A 138 9.89 36.77 -8.67
N ARG A 139 8.63 36.85 -8.30
CA ARG A 139 8.01 38.17 -8.10
C ARG A 139 7.31 38.16 -6.72
N ASP A 140 7.09 39.35 -6.21
CA ASP A 140 6.27 39.52 -5.00
C ASP A 140 5.05 40.34 -5.45
N ASN A 141 4.27 40.85 -4.53
CA ASN A 141 3.06 41.58 -4.93
C ASN A 141 3.37 42.84 -5.70
N ASN A 142 4.58 43.39 -5.53
CA ASN A 142 4.92 44.67 -6.12
C ASN A 142 5.74 44.58 -7.38
N GLY A 143 6.06 43.38 -7.84
CA GLY A 143 6.80 43.17 -9.05
C GLY A 143 7.92 42.15 -8.92
N VAL A 144 8.69 42.03 -9.99
CA VAL A 144 9.83 41.10 -10.03
C VAL A 144 10.86 41.45 -8.97
N ILE A 145 11.36 40.45 -8.24
CA ILE A 145 12.34 40.67 -7.22
C ILE A 145 13.72 40.13 -7.59
N GLY A 146 13.79 39.22 -8.55
CA GLY A 146 15.10 38.64 -8.98
C GLY A 146 15.00 37.12 -8.97
N LEU A 147 16.14 36.44 -9.11
CA LEU A 147 16.14 34.97 -9.09
C LEU A 147 17.06 34.46 -7.98
N LEU A 148 18.36 34.60 -8.19
CA LEU A 148 19.31 34.34 -7.09
C LEU A 148 19.96 35.62 -6.60
N GLU A 149 19.76 36.71 -7.31
CA GLU A 149 20.27 38.02 -6.92
C GLU A 149 19.15 39.07 -7.15
N PRO A 150 19.08 40.06 -6.30
CA PRO A 150 18.10 41.13 -6.43
C PRO A 150 18.02 41.69 -7.84
N MET A 151 16.81 41.78 -8.37
CA MET A 151 16.50 42.38 -9.63
C MET A 151 17.06 41.70 -10.85
N LYS A 152 17.60 40.50 -10.76
CA LYS A 152 18.23 39.86 -11.92
C LYS A 152 17.56 38.54 -12.28
N LYS A 153 16.80 38.52 -13.39
CA LYS A 153 16.27 37.25 -13.88
C LYS A 153 17.38 36.50 -14.62
N SER A 154 17.14 35.23 -14.95
CA SER A 154 18.07 34.50 -15.81
C SER A 154 17.30 33.80 -16.92
N MET A 155 17.74 34.01 -18.17
CA MET A 155 17.11 33.36 -19.31
C MET A 155 17.65 31.97 -19.56
N VAL A 156 18.74 31.62 -18.86
CA VAL A 156 19.37 30.33 -18.96
C VAL A 156 19.53 29.68 -17.57
N PRO A 157 19.67 28.37 -17.55
CA PRO A 157 19.81 27.62 -16.30
C PRO A 157 21.00 28.07 -15.49
N VAL A 158 20.76 28.33 -14.21
CA VAL A 158 21.79 28.76 -13.26
C VAL A 158 21.91 27.69 -12.17
N GLN A 159 23.10 27.27 -11.82
CA GLN A 159 23.28 26.22 -10.82
C GLN A 159 23.10 26.74 -9.40
N VAL A 160 22.47 25.90 -8.59
CA VAL A 160 22.29 26.15 -7.16
C VAL A 160 22.82 24.88 -6.45
N GLN A 161 24.04 24.90 -5.97
CA GLN A 161 24.58 23.69 -5.34
C GLN A 161 24.70 23.91 -3.83
N LEU A 162 24.09 22.98 -3.09
CA LEU A 162 24.18 23.08 -1.62
C LEU A 162 25.35 22.25 -1.15
N ASP A 163 25.59 22.21 0.16
CA ASP A 163 26.69 21.34 0.63
C ASP A 163 26.31 19.88 0.62
N VAL A 164 25.03 19.57 0.40
CA VAL A 164 24.52 18.19 0.35
C VAL A 164 23.68 18.05 -0.92
N PRO A 165 23.68 16.88 -1.52
CA PRO A 165 22.84 16.60 -2.68
C PRO A 165 21.37 16.87 -2.32
N VAL A 166 20.64 17.38 -3.29
CA VAL A 166 19.20 17.60 -3.19
C VAL A 166 18.48 16.39 -3.80
N VAL A 167 17.48 15.87 -3.10
CA VAL A 167 16.74 14.73 -3.63
C VAL A 167 15.37 15.11 -4.16
N LYS A 168 14.83 16.27 -3.80
CA LYS A 168 13.54 16.68 -4.38
C LYS A 168 13.43 18.19 -4.49
N VAL A 169 12.85 18.65 -5.61
CA VAL A 169 12.50 20.04 -5.79
C VAL A 169 10.96 20.19 -5.90
N ALA A 170 10.46 21.29 -5.38
CA ALA A 170 9.03 21.62 -5.53
C ALA A 170 8.87 23.13 -5.59
N SER A 171 7.93 23.62 -6.40
CA SER A 171 7.74 25.05 -6.57
C SER A 171 6.32 25.49 -6.21
N GLY A 172 6.23 26.71 -5.71
CA GLY A 172 4.93 27.42 -5.59
C GLY A 172 4.93 28.49 -6.69
N ASN A 173 4.02 29.44 -6.63
CA ASN A 173 4.04 30.49 -7.68
C ASN A 173 5.40 31.17 -7.70
N ASP A 174 5.90 31.59 -6.54
CA ASP A 174 7.13 32.39 -6.52
C ASP A 174 8.04 31.99 -5.38
N HIS A 175 8.12 30.71 -5.09
CA HIS A 175 9.11 30.16 -4.18
C HIS A 175 9.50 28.75 -4.62
N LEU A 176 10.76 28.44 -4.29
CA LEU A 176 11.29 27.12 -4.57
C LEU A 176 11.77 26.48 -3.26
N VAL A 177 11.42 25.20 -3.10
CA VAL A 177 11.87 24.45 -1.94
C VAL A 177 12.64 23.22 -2.39
N MET A 178 13.77 22.98 -1.72
CA MET A 178 14.63 21.85 -2.05
C MET A 178 14.84 20.98 -0.81
N LEU A 179 14.52 19.71 -0.91
CA LEU A 179 14.71 18.78 0.23
C LEU A 179 16.04 18.05 0.04
N THR A 180 16.96 18.26 0.98
CA THR A 180 18.28 17.62 0.80
C THR A 180 18.20 16.14 1.15
N ALA A 181 19.24 15.40 0.77
CA ALA A 181 19.38 14.00 1.14
C ALA A 181 19.33 13.81 2.65
N ASP A 182 19.74 14.81 3.42
CA ASP A 182 19.75 14.68 4.87
C ASP A 182 18.45 15.10 5.52
N GLY A 183 17.45 15.52 4.76
CA GLY A 183 16.14 15.80 5.36
C GLY A 183 15.99 17.28 5.68
N ASP A 184 16.93 18.11 5.18
CA ASP A 184 16.80 19.55 5.42
C ASP A 184 15.98 20.20 4.30
N LEU A 185 15.19 21.20 4.69
CA LEU A 185 14.39 21.91 3.68
C LEU A 185 15.00 23.29 3.43
N TYR A 186 15.48 23.52 2.20
CA TYR A 186 16.06 24.82 1.86
C TYR A 186 15.06 25.57 0.96
N THR A 187 14.81 26.81 1.31
CA THR A 187 13.77 27.56 0.57
C THR A 187 14.36 28.87 0.07
N LEU A 188 13.79 29.38 -1.00
CA LEU A 188 14.18 30.68 -1.53
C LEU A 188 13.10 31.25 -2.45
N GLY A 189 13.12 32.57 -2.61
CA GLY A 189 12.17 33.24 -3.51
C GLY A 189 11.38 34.30 -2.77
N CYS A 190 10.10 34.43 -3.13
CA CYS A 190 9.20 35.32 -2.41
C CYS A 190 8.79 34.72 -1.07
N GLY A 191 8.83 35.54 -0.02
CA GLY A 191 8.47 35.10 1.31
C GLY A 191 7.38 35.95 1.95
N GLU A 192 6.74 36.79 1.17
CA GLU A 192 5.76 37.77 1.63
C GLU A 192 4.59 37.17 2.37
N GLN A 193 4.26 35.91 2.06
CA GLN A 193 3.15 35.24 2.70
C GLN A 193 3.60 34.21 3.72
N GLY A 194 4.91 34.13 3.99
CA GLY A 194 5.44 33.15 4.92
C GLY A 194 5.82 31.84 4.29
N GLN A 195 5.79 31.73 2.98
CA GLN A 195 6.03 30.49 2.28
C GLN A 195 7.46 29.99 2.30
N LEU A 196 8.40 30.81 2.74
CA LEU A 196 9.77 30.35 2.94
C LEU A 196 9.98 29.73 4.32
N GLY A 197 9.10 30.05 5.27
CA GLY A 197 9.19 29.52 6.61
C GLY A 197 10.47 29.82 7.35
N ARG A 198 11.13 30.96 7.10
CA ARG A 198 12.40 31.21 7.75
C ARG A 198 12.82 32.57 8.10
N VAL A 199 12.24 33.66 7.68
CA VAL A 199 12.80 34.97 8.22
C VAL A 199 11.63 35.79 8.72
N PRO A 200 10.89 35.26 9.68
CA PRO A 200 9.67 35.90 10.18
C PRO A 200 9.96 37.35 10.56
N GLU A 201 11.01 37.51 11.33
CA GLU A 201 11.76 38.70 11.61
C GLU A 201 11.82 39.70 10.49
N LEU A 202 12.00 39.28 9.26
CA LEU A 202 12.10 40.14 8.09
C LEU A 202 10.75 40.61 7.57
N PHE A 203 9.67 39.96 8.00
CA PHE A 203 8.33 40.33 7.55
C PHE A 203 7.49 40.93 8.67
N ALA A 204 8.05 40.94 9.88
CA ALA A 204 7.40 41.60 11.02
C ALA A 204 7.35 43.10 10.78
N ASN A 205 6.20 43.60 10.37
CA ASN A 205 6.09 44.91 9.70
C ASN A 205 6.86 44.85 8.38
N ARG A 206 8.16 45.10 8.47
CA ARG A 206 9.08 45.14 7.39
C ARG A 206 8.69 44.44 6.11
N GLY A 207 9.21 44.99 5.00
CA GLY A 207 8.96 44.37 3.69
C GLY A 207 10.11 43.39 3.41
N GLY A 208 9.79 42.27 2.77
CA GLY A 208 10.78 41.29 2.39
C GLY A 208 11.89 41.89 1.55
N ARG A 209 11.59 42.94 0.77
CA ARG A 209 12.58 43.58 -0.07
C ARG A 209 13.71 44.22 0.69
N GLN A 210 13.52 44.52 1.98
CA GLN A 210 14.56 45.06 2.82
C GLN A 210 15.65 44.05 3.16
N GLY A 211 15.40 42.77 2.95
CA GLY A 211 16.43 41.74 3.25
C GLY A 211 16.43 40.75 2.09
N LEU A 212 16.18 41.32 0.91
CA LEU A 212 15.98 40.54 -0.30
C LEU A 212 17.07 39.56 -0.60
N GLU A 213 18.35 39.90 -0.36
CA GLU A 213 19.41 38.94 -0.68
C GLU A 213 19.26 37.69 0.17
N ARG A 214 18.85 37.88 1.43
CA ARG A 214 18.64 36.77 2.34
C ARG A 214 17.54 35.83 1.84
N LEU A 215 16.58 36.36 1.11
CA LEU A 215 15.45 35.57 0.63
C LEU A 215 15.76 34.81 -0.65
N LEU A 216 16.65 35.36 -1.49
CA LEU A 216 16.97 34.72 -2.77
C LEU A 216 18.08 33.70 -2.66
N VAL A 217 18.76 33.65 -1.52
CA VAL A 217 19.75 32.62 -1.23
C VAL A 217 19.03 31.42 -0.56
N PRO A 218 19.37 30.23 -0.99
CA PRO A 218 18.78 29.02 -0.42
C PRO A 218 19.26 28.84 1.02
N LYS A 219 18.35 28.88 1.99
CA LYS A 219 18.66 28.70 3.39
C LYS A 219 17.70 27.72 4.07
N CYS A 220 18.17 27.11 5.14
CA CYS A 220 17.52 26.00 5.80
C CYS A 220 16.39 26.43 6.74
N VAL A 221 15.27 25.74 6.65
CA VAL A 221 14.18 25.97 7.62
C VAL A 221 14.62 25.33 8.95
N MET A 222 14.72 26.12 9.99
CA MET A 222 15.28 25.67 11.26
C MET A 222 14.20 25.59 12.34
N LEU A 223 13.83 24.39 12.73
CA LEU A 223 12.81 24.19 13.77
C LEU A 223 13.40 23.37 14.93
N LYS A 224 13.45 23.97 16.11
CA LYS A 224 13.88 23.21 17.29
C LYS A 224 12.93 22.03 17.51
N SER A 225 13.48 20.88 17.89
CA SER A 225 12.72 19.66 18.01
C SER A 225 11.98 19.22 19.37
N ARG A 226 11.68 20.15 20.31
CA ARG A 226 10.85 19.85 21.58
C ARG A 226 11.29 18.56 22.31
N GLY A 227 11.69 18.66 23.59
CA GLY A 227 12.30 17.47 24.20
C GLY A 227 13.27 17.12 23.11
N SER A 228 13.91 18.23 22.85
CA SER A 228 14.77 18.50 21.74
C SER A 228 16.04 17.67 21.55
N ARG A 229 16.34 17.61 20.26
CA ARG A 229 17.63 17.23 19.70
C ARG A 229 18.05 18.53 19.03
N GLY A 230 18.75 18.46 17.93
CA GLY A 230 19.11 19.69 17.21
C GLY A 230 17.84 20.28 16.59
N HIS A 231 17.59 19.98 15.32
CA HIS A 231 16.42 20.50 14.63
C HIS A 231 15.64 19.44 13.89
N VAL A 232 14.36 19.71 13.62
CA VAL A 232 13.49 18.74 12.96
C VAL A 232 13.93 18.54 11.49
N ARG A 233 13.85 17.30 11.03
CA ARG A 233 14.17 17.00 9.63
C ARG A 233 12.98 16.34 8.96
N PHE A 234 12.94 16.39 7.63
CA PHE A 234 11.76 16.04 6.87
C PHE A 234 11.94 14.89 5.90
N GLN A 235 10.89 14.10 5.68
CA GLN A 235 10.89 13.02 4.72
C GLN A 235 10.27 13.41 3.39
N ASP A 236 9.50 14.51 3.37
CA ASP A 236 8.91 14.99 2.12
C ASP A 236 8.45 16.45 2.26
N ALA A 237 8.28 17.11 1.12
CA ALA A 237 7.87 18.52 1.11
C ALA A 237 7.14 18.83 -0.21
N PHE A 238 6.10 19.65 -0.10
CA PHE A 238 5.24 19.95 -1.24
C PHE A 238 4.94 21.46 -1.22
N CYS A 239 4.52 22.03 -2.34
CA CYS A 239 4.11 23.43 -2.35
C CYS A 239 2.68 23.61 -2.85
N GLY A 240 1.99 24.61 -2.31
CA GLY A 240 0.83 25.19 -2.99
C GLY A 240 1.27 26.52 -3.62
N ALA A 241 0.34 27.31 -4.11
CA ALA A 241 0.72 28.57 -4.77
C ALA A 241 1.55 29.47 -3.88
N TYR A 242 1.10 29.69 -2.64
CA TYR A 242 1.75 30.61 -1.73
C TYR A 242 2.07 30.00 -0.38
N PHE A 243 2.19 28.68 -0.34
CA PHE A 243 2.41 27.98 0.93
C PHE A 243 3.18 26.70 0.75
N THR A 244 3.63 26.11 1.86
CA THR A 244 4.49 24.91 1.79
C THR A 244 4.08 23.92 2.87
N PHE A 245 4.06 22.64 2.53
CA PHE A 245 3.74 21.57 3.49
C PHE A 245 4.98 20.67 3.59
N ALA A 246 5.38 20.34 4.81
CA ALA A 246 6.56 19.47 4.99
C ALA A 246 6.21 18.38 6.00
N ILE A 247 6.57 17.15 5.65
CA ILE A 247 6.25 16.02 6.55
C ILE A 247 7.54 15.58 7.26
N SER A 248 7.54 15.67 8.57
CA SER A 248 8.74 15.32 9.35
C SER A 248 9.01 13.83 9.28
N HIS A 249 10.17 13.44 9.80
CA HIS A 249 10.53 12.01 9.85
C HIS A 249 9.52 11.22 10.70
N GLU A 250 8.95 11.88 11.67
CA GLU A 250 7.96 11.27 12.59
C GLU A 250 6.56 11.19 11.95
N GLY A 251 6.40 11.89 10.84
CA GLY A 251 5.13 11.85 10.09
C GLY A 251 4.19 13.02 10.44
N HIS A 252 4.70 14.01 11.17
CA HIS A 252 3.90 15.19 11.50
C HIS A 252 3.90 16.15 10.32
N VAL A 253 2.76 16.75 10.08
CA VAL A 253 2.61 17.68 8.96
C VAL A 253 2.82 19.12 9.43
N TYR A 254 3.82 19.75 8.83
CA TYR A 254 4.13 21.15 9.12
C TYR A 254 3.73 21.99 7.90
N GLY A 255 3.24 23.19 8.17
CA GLY A 255 2.87 24.09 7.06
C GLY A 255 3.33 25.51 7.37
N PHE A 256 3.61 26.27 6.32
CA PHE A 256 3.94 27.67 6.45
C PHE A 256 3.51 28.40 5.16
N GLY A 257 3.13 29.65 5.29
CA GLY A 257 2.69 30.42 4.14
C GLY A 257 1.25 30.90 4.33
N LEU A 258 0.60 31.14 3.18
CA LEU A 258 -0.71 31.81 3.19
C LEU A 258 -1.81 30.89 3.70
N SER A 259 -2.73 31.48 4.50
CA SER A 259 -3.86 30.71 5.01
C SER A 259 -5.06 31.64 5.21
N ASN A 260 -5.21 32.58 4.27
CA ASN A 260 -6.30 33.56 4.37
C ASN A 260 -7.66 32.91 4.22
N TYR A 261 -7.74 31.72 3.67
CA TYR A 261 -8.97 30.92 3.65
C TYR A 261 -8.82 29.60 4.38
N HIS A 262 -7.89 29.53 5.33
CA HIS A 262 -7.64 28.34 6.12
C HIS A 262 -7.05 27.20 5.30
N GLN A 263 -6.44 27.52 4.15
CA GLN A 263 -5.94 26.48 3.27
C GLN A 263 -4.76 25.72 3.82
N LEU A 264 -4.05 26.29 4.79
CA LEU A 264 -2.92 25.61 5.42
C LEU A 264 -3.42 24.64 6.49
N GLY A 265 -4.70 24.76 6.88
CA GLY A 265 -5.24 23.85 7.88
C GLY A 265 -5.05 24.40 9.29
N THR A 266 -4.95 25.72 9.36
CA THR A 266 -4.81 26.43 10.63
C THR A 266 -6.19 26.95 11.05
N PRO A 267 -6.36 27.11 12.35
CA PRO A 267 -7.60 27.65 12.90
C PRO A 267 -7.81 29.10 12.44
N GLY A 268 -6.74 29.87 12.37
CA GLY A 268 -6.80 31.29 12.04
C GLY A 268 -6.49 31.52 10.56
N THR A 269 -6.53 32.79 10.13
CA THR A 269 -6.30 33.10 8.73
C THR A 269 -5.05 33.90 8.46
N GLU A 270 -4.27 34.23 9.48
CA GLU A 270 -3.06 35.04 9.24
C GLU A 270 -2.00 34.17 8.57
N SER A 271 -1.18 34.79 7.74
CA SER A 271 -0.09 34.05 7.07
C SER A 271 0.92 33.59 8.13
N CYS A 272 1.45 32.40 7.95
CA CYS A 272 2.31 31.77 8.96
C CYS A 272 3.77 31.78 8.46
N PHE A 273 4.57 32.61 9.10
CA PHE A 273 5.96 32.81 8.70
C PHE A 273 6.91 31.81 9.32
N ILE A 274 6.46 31.06 10.30
CA ILE A 274 7.21 29.97 10.94
C ILE A 274 6.47 28.67 10.72
N PRO A 275 7.14 27.55 10.53
CA PRO A 275 6.49 26.28 10.31
C PRO A 275 5.57 25.93 11.47
N GLN A 276 4.33 25.59 11.16
CA GLN A 276 3.34 25.24 12.17
C GLN A 276 3.13 23.72 12.19
N ASN A 277 3.12 23.12 13.37
CA ASN A 277 2.78 21.69 13.49
C ASN A 277 1.25 21.57 13.40
N LEU A 278 0.73 21.20 12.25
CA LEU A 278 -0.71 21.29 12.02
C LEU A 278 -1.44 20.17 12.72
N THR A 279 -2.10 20.48 13.83
CA THR A 279 -2.85 19.49 14.60
C THR A 279 -4.11 19.06 13.90
N SER A 280 -4.54 19.79 12.86
CA SER A 280 -5.69 19.35 12.07
C SER A 280 -5.35 18.13 11.23
N PHE A 281 -4.06 17.86 11.01
CA PHE A 281 -3.61 16.70 10.27
C PHE A 281 -3.24 15.54 11.18
N LYS A 282 -3.20 15.76 12.48
CA LYS A 282 -2.91 14.71 13.45
C LYS A 282 -4.09 13.73 13.58
N ASN A 283 -3.86 12.48 13.23
CA ASN A 283 -4.94 11.46 13.32
C ASN A 283 -4.32 10.08 13.21
N SER A 284 -4.58 9.20 14.18
CA SER A 284 -3.98 7.89 14.20
C SER A 284 -4.27 7.02 12.99
N THR A 285 -5.31 7.30 12.22
CA THR A 285 -5.71 6.43 11.13
C THR A 285 -5.37 7.00 9.77
N LYS A 286 -4.71 8.16 9.73
CA LYS A 286 -4.36 8.80 8.48
C LYS A 286 -2.86 9.10 8.39
N SER A 287 -2.22 8.58 7.34
CA SER A 287 -0.81 8.90 7.09
C SER A 287 -0.71 9.71 5.79
N TRP A 288 -0.28 10.94 5.92
CA TRP A 288 -0.31 11.89 4.80
C TRP A 288 0.87 11.73 3.87
N VAL A 289 0.61 11.56 2.57
CA VAL A 289 1.65 11.27 1.61
C VAL A 289 1.70 12.22 0.44
N GLY A 290 0.69 13.05 0.22
CA GLY A 290 0.66 13.92 -0.96
C GLY A 290 -0.09 15.20 -0.67
N PHE A 291 0.44 16.33 -1.13
CA PHE A 291 -0.13 17.63 -0.92
C PHE A 291 -0.04 18.46 -2.23
N SER A 292 -1.01 19.31 -2.44
CA SER A 292 -1.03 20.24 -3.57
C SER A 292 -1.90 21.44 -3.17
N GLY A 293 -1.83 22.51 -3.94
CA GLY A 293 -2.68 23.67 -3.55
C GLY A 293 -2.67 24.75 -4.61
N GLY A 294 -3.81 25.39 -4.78
CA GLY A 294 -3.87 26.58 -5.67
C GLY A 294 -3.67 27.81 -4.81
N GLN A 295 -4.20 28.96 -5.21
CA GLN A 295 -4.07 30.15 -4.39
C GLN A 295 -4.66 29.95 -3.00
N HIS A 296 -5.90 29.48 -2.95
CA HIS A 296 -6.72 29.54 -1.75
C HIS A 296 -7.26 28.21 -1.30
N HIS A 297 -6.82 27.10 -1.86
CA HIS A 297 -7.30 25.79 -1.46
C HIS A 297 -6.17 24.74 -1.60
N THR A 298 -6.37 23.67 -0.85
CA THR A 298 -5.42 22.56 -0.77
C THR A 298 -6.14 21.24 -1.02
N VAL A 299 -5.50 20.37 -1.79
CA VAL A 299 -5.97 19.02 -2.03
C VAL A 299 -4.82 18.05 -1.65
N CYS A 300 -5.12 17.18 -0.70
CA CYS A 300 -4.04 16.30 -0.18
C CYS A 300 -4.54 14.87 -0.16
N MET A 301 -3.63 13.92 0.14
CA MET A 301 -4.03 12.52 0.07
C MET A 301 -3.27 11.68 1.10
N ASP A 302 -3.93 10.62 1.56
CA ASP A 302 -3.32 9.74 2.56
C ASP A 302 -2.80 8.47 1.91
N SER A 303 -2.29 7.54 2.73
CA SER A 303 -1.63 6.37 2.16
C SER A 303 -2.61 5.26 1.83
N GLU A 304 -3.90 5.50 1.98
CA GLU A 304 -4.93 4.52 1.72
C GLU A 304 -5.87 4.90 0.59
N GLY A 305 -5.40 5.77 -0.30
CA GLY A 305 -6.12 6.07 -1.54
C GLY A 305 -7.22 7.08 -1.37
N LYS A 306 -7.18 7.85 -0.30
CA LYS A 306 -8.23 8.85 -0.04
C LYS A 306 -7.69 10.25 -0.25
N ALA A 307 -8.47 11.11 -0.89
CA ALA A 307 -8.13 12.49 -1.13
C ALA A 307 -9.04 13.42 -0.30
N TYR A 308 -8.46 14.50 0.17
CA TYR A 308 -9.10 15.45 1.06
C TYR A 308 -8.86 16.89 0.59
N SER A 309 -9.76 17.80 0.98
CA SER A 309 -9.52 19.20 0.61
C SER A 309 -9.81 20.12 1.82
N LEU A 310 -9.28 21.34 1.71
CA LEU A 310 -9.49 22.36 2.71
C LEU A 310 -9.28 23.74 2.08
N GLY A 311 -9.79 24.77 2.74
CA GLY A 311 -9.63 26.11 2.22
C GLY A 311 -10.92 26.67 1.64
N ARG A 312 -10.76 27.62 0.73
CA ARG A 312 -11.88 28.32 0.11
C ARG A 312 -12.79 27.40 -0.68
N ALA A 313 -14.12 27.59 -0.54
CA ALA A 313 -15.08 26.74 -1.20
C ALA A 313 -15.63 27.31 -2.49
N GLU A 314 -15.43 28.58 -2.75
CA GLU A 314 -16.05 29.27 -3.89
C GLU A 314 -15.68 28.67 -5.21
N TYR A 315 -16.68 28.49 -6.09
CA TYR A 315 -16.58 27.87 -7.38
C TYR A 315 -16.37 26.38 -7.39
N GLY A 316 -16.51 25.70 -6.27
CA GLY A 316 -16.47 24.26 -6.21
C GLY A 316 -15.10 23.66 -6.03
N ARG A 317 -14.09 24.49 -5.70
CA ARG A 317 -12.71 24.00 -5.69
C ARG A 317 -12.40 22.97 -4.64
N LEU A 318 -13.25 22.76 -3.62
CA LEU A 318 -13.04 21.69 -2.65
C LEU A 318 -13.52 20.34 -3.13
N GLY A 319 -14.37 20.29 -4.16
CA GLY A 319 -14.89 19.04 -4.69
C GLY A 319 -15.75 18.28 -3.69
N LEU A 320 -16.35 18.97 -2.73
CA LEU A 320 -17.17 18.35 -1.72
C LEU A 320 -18.65 18.37 -1.99
N GLY A 321 -19.08 18.85 -3.14
CA GLY A 321 -20.50 18.93 -3.47
C GLY A 321 -21.05 20.35 -3.40
N GLU A 322 -22.25 20.53 -3.97
CA GLU A 322 -22.91 21.83 -4.01
C GLU A 322 -23.07 22.41 -2.61
N GLY A 323 -22.96 23.73 -2.47
CA GLY A 323 -23.15 24.39 -1.21
C GLY A 323 -22.09 24.16 -0.18
N ALA A 324 -20.96 23.58 -0.59
CA ALA A 324 -19.84 23.39 0.36
C ALA A 324 -19.41 24.74 0.92
N GLU A 325 -18.98 24.77 2.17
CA GLU A 325 -18.50 25.99 2.80
C GLU A 325 -17.03 25.84 3.19
N GLU A 326 -16.38 26.93 3.47
CA GLU A 326 -14.95 26.95 3.78
C GLU A 326 -14.58 25.86 4.77
N LYS A 327 -13.45 25.19 4.54
CA LYS A 327 -12.96 24.16 5.47
C LYS A 327 -11.59 24.50 6.03
N SER A 328 -11.38 24.21 7.31
CA SER A 328 -10.06 24.48 7.91
C SER A 328 -9.39 23.21 8.38
N ILE A 329 -9.99 22.06 8.06
CA ILE A 329 -9.42 20.75 8.33
C ILE A 329 -9.61 19.86 7.08
N PRO A 330 -8.65 19.00 6.80
CA PRO A 330 -8.71 18.13 5.64
C PRO A 330 -10.02 17.35 5.65
N THR A 331 -10.80 17.54 4.61
CA THR A 331 -12.15 17.00 4.52
C THR A 331 -12.25 15.99 3.39
N LEU A 332 -12.69 14.77 3.72
CA LEU A 332 -12.73 13.70 2.74
C LEU A 332 -13.54 14.05 1.50
N ILE A 333 -12.94 13.84 0.34
CA ILE A 333 -13.70 13.87 -0.92
C ILE A 333 -14.18 12.45 -1.22
N SER A 334 -15.40 12.12 -0.78
CA SER A 334 -15.90 10.76 -0.90
C SER A 334 -16.11 10.30 -2.33
N ARG A 335 -16.47 11.21 -3.23
CA ARG A 335 -16.87 10.84 -4.58
C ARG A 335 -15.69 10.60 -5.52
N LEU A 336 -14.71 9.83 -5.15
CA LEU A 336 -13.61 9.47 -6.03
C LEU A 336 -13.29 7.98 -5.87
N PRO A 337 -12.84 7.35 -6.93
CA PRO A 337 -12.24 6.02 -6.87
C PRO A 337 -10.98 6.11 -5.99
N ALA A 338 -10.28 5.01 -5.80
CA ALA A 338 -9.04 5.05 -5.00
C ALA A 338 -8.04 5.98 -5.72
N VAL A 339 -7.40 6.85 -4.97
CA VAL A 339 -6.51 7.87 -5.50
C VAL A 339 -5.04 7.50 -5.45
N SER A 340 -4.32 7.79 -6.55
CA SER A 340 -2.87 7.66 -6.57
C SER A 340 -2.13 8.98 -6.52
N SER A 341 -2.69 10.06 -7.07
CA SER A 341 -2.06 11.38 -6.89
C SER A 341 -3.06 12.49 -6.99
N VAL A 342 -2.72 13.66 -6.46
CA VAL A 342 -3.55 14.82 -6.45
C VAL A 342 -2.84 16.05 -7.00
N ALA A 343 -3.62 16.98 -7.54
CA ALA A 343 -3.05 18.23 -8.02
C ALA A 343 -4.02 19.38 -7.89
N CYS A 344 -3.50 20.60 -7.89
CA CYS A 344 -4.32 21.78 -7.96
C CYS A 344 -3.82 22.71 -9.10
N GLY A 345 -4.77 23.47 -9.60
CA GLY A 345 -4.38 24.65 -10.43
C GLY A 345 -4.79 25.88 -9.60
N ALA A 346 -4.83 27.07 -10.18
CA ALA A 346 -5.13 28.26 -9.39
C ALA A 346 -6.41 28.08 -8.58
N SER A 347 -7.48 27.70 -9.28
CA SER A 347 -8.80 27.57 -8.64
C SER A 347 -9.47 26.25 -8.98
N VAL A 348 -8.68 25.21 -9.26
CA VAL A 348 -9.23 23.90 -9.62
C VAL A 348 -8.50 22.80 -8.87
N GLY A 349 -9.08 21.61 -8.82
CA GLY A 349 -8.47 20.47 -8.15
C GLY A 349 -8.68 19.20 -8.96
N TYR A 350 -7.73 18.28 -8.86
CA TYR A 350 -7.68 17.05 -9.62
C TYR A 350 -7.25 15.86 -8.72
N ALA A 351 -7.65 14.68 -9.14
CA ALA A 351 -7.22 13.43 -8.56
C ALA A 351 -7.04 12.38 -9.64
N VAL A 352 -5.86 11.79 -9.70
CA VAL A 352 -5.62 10.67 -10.59
C VAL A 352 -5.83 9.37 -9.84
N THR A 353 -6.62 8.48 -10.41
CA THR A 353 -6.98 7.25 -9.70
C THR A 353 -5.93 6.17 -9.90
N LYS A 354 -6.02 5.15 -9.04
CA LYS A 354 -5.12 4.00 -9.17
C LYS A 354 -5.36 3.24 -10.46
N ASP A 355 -6.58 3.27 -10.98
CA ASP A 355 -6.90 2.62 -12.24
C ASP A 355 -6.67 3.50 -13.45
N GLY A 356 -5.94 4.61 -13.30
CA GLY A 356 -5.52 5.42 -14.42
C GLY A 356 -6.54 6.40 -14.95
N ARG A 357 -7.52 6.81 -14.16
CA ARG A 357 -8.45 7.85 -14.57
C ARG A 357 -8.14 9.19 -13.91
N VAL A 358 -8.60 10.28 -14.49
CA VAL A 358 -8.37 11.61 -13.89
C VAL A 358 -9.69 12.36 -13.69
N PHE A 359 -9.90 12.84 -12.47
CA PHE A 359 -11.08 13.61 -12.12
C PHE A 359 -10.75 15.08 -11.86
N ALA A 360 -11.67 15.98 -12.17
CA ALA A 360 -11.45 17.40 -11.99
C ALA A 360 -12.63 18.06 -11.27
N TRP A 361 -12.37 19.20 -10.65
CA TRP A 361 -13.43 19.98 -10.03
C TRP A 361 -12.98 21.42 -9.82
N GLY A 362 -13.93 22.31 -9.56
CA GLY A 362 -13.62 23.70 -9.28
C GLY A 362 -14.01 24.61 -10.45
N MET A 363 -13.33 25.76 -10.50
CA MET A 363 -13.70 26.82 -11.41
C MET A 363 -13.57 26.40 -12.86
N GLY A 364 -14.64 26.58 -13.65
CA GLY A 364 -14.68 26.03 -14.99
C GLY A 364 -14.32 27.03 -16.08
N THR A 365 -14.26 28.30 -15.76
CA THR A 365 -14.07 29.38 -16.71
C THR A 365 -13.02 29.16 -17.77
N ASN A 366 -11.85 28.71 -17.38
CA ASN A 366 -10.72 28.57 -18.29
C ASN A 366 -10.72 27.29 -19.08
N TYR A 367 -11.73 26.45 -18.92
CA TYR A 367 -11.82 25.18 -19.61
C TYR A 367 -10.75 24.20 -19.15
N GLN A 368 -10.41 24.30 -17.85
CA GLN A 368 -9.45 23.40 -17.25
C GLN A 368 -10.06 22.08 -16.81
N LEU A 369 -11.40 22.00 -16.73
CA LEU A 369 -12.06 20.81 -16.21
C LEU A 369 -12.16 19.68 -17.20
N GLY A 370 -12.04 19.97 -18.49
CA GLY A 370 -12.08 18.94 -19.52
C GLY A 370 -13.49 18.40 -19.73
N THR A 371 -14.48 19.17 -19.28
CA THR A 371 -15.87 18.72 -19.45
C THR A 371 -16.35 19.05 -20.87
N GLY A 372 -15.72 20.05 -21.46
CA GLY A 372 -16.19 20.57 -22.76
C GLY A 372 -16.96 21.87 -22.53
N GLN A 373 -17.20 22.19 -21.26
CA GLN A 373 -17.94 23.35 -20.85
C GLN A 373 -17.14 24.22 -19.86
N ASP A 374 -17.64 25.42 -19.60
CA ASP A 374 -16.96 26.37 -18.75
C ASP A 374 -17.69 26.58 -17.43
N GLU A 375 -18.59 25.67 -17.09
CA GLU A 375 -19.30 25.75 -15.82
C GLU A 375 -18.44 25.18 -14.68
N ASP A 376 -18.59 25.73 -13.50
CA ASP A 376 -17.92 25.18 -12.31
C ASP A 376 -18.42 23.78 -12.00
N ALA A 377 -17.57 22.95 -11.43
CA ALA A 377 -17.97 21.61 -10.97
C ALA A 377 -17.74 21.51 -9.46
N TRP A 378 -18.83 21.45 -8.68
CA TRP A 378 -18.69 21.42 -7.22
C TRP A 378 -18.39 20.03 -6.69
N SER A 379 -18.47 19.00 -7.52
CA SER A 379 -18.07 17.64 -7.19
C SER A 379 -17.12 17.13 -8.31
N PRO A 380 -16.36 16.10 -8.07
CA PRO A 380 -15.41 15.60 -9.06
C PRO A 380 -16.10 15.08 -10.31
N VAL A 381 -15.63 15.50 -11.47
CA VAL A 381 -16.13 15.01 -12.75
C VAL A 381 -15.01 14.29 -13.50
N GLU A 382 -15.28 13.08 -13.97
CA GLU A 382 -14.25 12.33 -14.68
C GLU A 382 -13.95 12.97 -16.04
N MET A 383 -12.66 13.22 -16.31
CA MET A 383 -12.27 13.80 -17.59
C MET A 383 -12.29 12.73 -18.67
N MET A 384 -13.05 12.99 -19.74
CA MET A 384 -13.08 12.06 -20.88
C MET A 384 -12.65 12.77 -22.14
N GLY A 385 -13.02 12.26 -23.32
CA GLY A 385 -12.61 12.87 -24.58
C GLY A 385 -11.81 11.86 -25.41
N LYS A 386 -11.46 12.24 -26.63
CA LYS A 386 -10.79 11.34 -27.54
C LYS A 386 -9.38 10.97 -27.10
N GLN A 387 -8.62 11.92 -26.56
CA GLN A 387 -7.24 11.64 -26.20
C GLN A 387 -7.07 10.86 -24.92
N LEU A 388 -8.12 10.67 -24.12
CA LEU A 388 -8.02 9.87 -22.90
C LEU A 388 -8.62 8.48 -23.12
N GLU A 389 -9.34 8.33 -24.22
CA GLU A 389 -9.87 7.02 -24.60
C GLU A 389 -8.75 6.01 -24.77
N ASN A 390 -8.89 4.87 -24.09
CA ASN A 390 -7.95 3.78 -24.21
C ASN A 390 -6.55 4.15 -23.74
N ARG A 391 -6.48 5.11 -22.84
CA ARG A 391 -5.21 5.56 -22.27
C ARG A 391 -5.31 5.64 -20.75
N VAL A 392 -4.19 5.45 -20.08
CA VAL A 392 -4.13 5.55 -18.62
C VAL A 392 -3.41 6.83 -18.23
N VAL A 393 -3.98 7.59 -17.30
CA VAL A 393 -3.37 8.83 -16.85
C VAL A 393 -2.26 8.53 -15.85
N LEU A 394 -1.07 9.07 -16.09
CA LEU A 394 0.06 8.94 -15.18
C LEU A 394 0.19 10.11 -14.23
N SER A 395 -0.20 11.30 -14.66
CA SER A 395 -0.14 12.49 -13.85
C SER A 395 -1.00 13.63 -14.41
N VAL A 396 -1.32 14.56 -13.53
CA VAL A 396 -1.96 15.81 -13.90
C VAL A 396 -1.33 16.96 -13.13
N SER A 397 -1.18 18.09 -13.79
CA SER A 397 -0.59 19.29 -13.16
C SER A 397 -1.30 20.51 -13.76
N SER A 398 -1.49 21.56 -13.01
CA SER A 398 -2.36 22.66 -13.50
C SER A 398 -1.83 23.99 -13.07
N GLY A 399 -2.00 25.02 -13.90
CA GLY A 399 -1.49 26.36 -13.61
C GLY A 399 -2.64 27.36 -13.49
N GLY A 400 -2.41 28.57 -13.99
CA GLY A 400 -3.40 29.65 -13.84
C GLY A 400 -4.63 29.35 -14.66
N GLN A 401 -4.45 29.05 -15.94
CA GLN A 401 -5.54 28.91 -16.87
C GLN A 401 -5.45 27.69 -17.76
N HIS A 402 -4.47 26.80 -17.54
CA HIS A 402 -4.29 25.60 -18.33
C HIS A 402 -4.02 24.38 -17.45
N THR A 403 -4.06 23.21 -18.04
CA THR A 403 -3.81 21.94 -17.33
C THR A 403 -3.02 21.00 -18.24
N VAL A 404 -2.09 20.24 -17.66
CA VAL A 404 -1.22 19.36 -18.39
C VAL A 404 -1.36 17.93 -17.86
N LEU A 405 -1.59 16.99 -18.75
CA LEU A 405 -1.70 15.58 -18.40
C LEU A 405 -0.55 14.79 -19.05
N LEU A 406 -0.12 13.75 -18.35
CA LEU A 406 0.80 12.77 -18.90
C LEU A 406 0.07 11.41 -18.93
N VAL A 407 -0.05 10.83 -20.12
CA VAL A 407 -0.81 9.60 -20.29
C VAL A 407 -0.01 8.55 -21.05
N LYS A 408 -0.50 7.32 -21.00
CA LYS A 408 0.17 6.21 -21.70
C LYS A 408 -0.91 5.35 -22.37
N ASP A 409 -0.57 4.65 -23.45
CA ASP A 409 -1.56 3.78 -24.11
C ASP A 409 -1.92 2.61 -23.20
N LYS A 410 -3.21 2.28 -23.17
CA LYS A 410 -3.66 1.18 -22.30
C LYS A 410 -2.78 -0.03 -22.53
N GLU A 411 -2.31 -0.64 -21.47
CA GLU A 411 -1.20 -1.59 -21.49
C GLU A 411 -1.55 -2.95 -22.03
N GLN A 412 -2.20 -3.01 -23.17
CA GLN A 412 -2.52 -4.24 -23.87
C GLN A 412 -1.85 -4.23 -25.26
N SER A 413 -1.03 -5.23 -25.52
CA SER A 413 -0.22 -5.26 -26.73
C SER A 413 0.76 -4.10 -26.77
N LYS B 13 -5.94 -35.38 6.30
CA LYS B 13 -4.46 -35.31 6.16
C LYS B 13 -4.04 -33.98 5.52
N LYS B 14 -2.77 -33.94 5.23
CA LYS B 14 -2.09 -32.80 4.59
C LYS B 14 -2.80 -31.45 4.79
N VAL B 15 -2.50 -30.83 5.92
CA VAL B 15 -2.97 -29.47 6.23
C VAL B 15 -1.78 -28.53 6.03
N LYS B 16 -1.84 -27.80 4.94
CA LYS B 16 -0.75 -26.91 4.55
C LYS B 16 -0.82 -25.57 5.27
N VAL B 17 0.32 -24.90 5.22
CA VAL B 17 0.47 -23.56 5.78
C VAL B 17 0.97 -22.59 4.68
N SER B 18 0.65 -21.33 4.87
CA SER B 18 1.15 -20.27 4.01
C SER B 18 1.56 -19.11 4.91
N HIS B 19 2.14 -18.07 4.36
CA HIS B 19 2.49 -16.89 5.11
C HIS B 19 2.81 -15.75 4.15
N ARG B 20 2.63 -14.52 4.59
CA ARG B 20 2.86 -13.40 3.66
C ARG B 20 4.33 -13.25 3.31
N SER B 21 5.24 -13.84 4.10
CA SER B 21 6.65 -13.79 3.83
C SER B 21 7.10 -14.77 2.77
N HIS B 22 6.29 -15.75 2.44
CA HIS B 22 6.71 -16.79 1.47
C HIS B 22 6.80 -16.19 0.07
N SER B 23 7.79 -16.64 -0.69
CA SER B 23 8.02 -16.15 -2.06
C SER B 23 7.52 -17.15 -3.09
N THR B 24 6.87 -16.64 -4.15
CA THR B 24 6.26 -17.54 -5.12
C THR B 24 6.54 -17.18 -6.58
N GLU B 25 7.18 -16.06 -6.86
CA GLU B 25 7.42 -15.68 -8.27
C GLU B 25 8.66 -16.35 -8.81
N PRO B 26 8.53 -17.13 -9.87
CA PRO B 26 9.63 -17.84 -10.50
C PRO B 26 10.66 -16.93 -11.12
N GLY B 27 11.95 -17.28 -10.95
CA GLY B 27 13.02 -16.45 -11.45
C GLY B 27 14.31 -17.22 -11.71
N LEU B 28 15.35 -16.47 -12.07
CA LEU B 28 16.68 -17.03 -12.32
C LEU B 28 17.64 -16.49 -11.22
N VAL B 29 18.66 -17.27 -10.92
CA VAL B 29 19.60 -16.89 -9.85
C VAL B 29 20.87 -16.32 -10.46
N LEU B 30 21.31 -15.18 -9.94
CA LEU B 30 22.57 -14.58 -10.31
C LEU B 30 23.42 -14.44 -9.02
N THR B 31 24.72 -14.66 -9.14
CA THR B 31 25.61 -14.46 -7.99
C THR B 31 26.77 -13.54 -8.33
N LEU B 32 27.34 -12.90 -7.32
CA LEU B 32 28.52 -12.06 -7.46
C LEU B 32 29.29 -12.01 -6.13
N GLY B 33 30.52 -11.55 -6.19
CA GLY B 33 31.40 -11.52 -5.03
C GLY B 33 32.42 -12.65 -5.05
N GLN B 34 32.83 -13.10 -3.85
CA GLN B 34 33.83 -14.14 -3.71
C GLN B 34 33.25 -15.53 -3.87
N GLY B 35 34.02 -16.44 -4.45
CA GLY B 35 33.54 -17.79 -4.73
C GLY B 35 34.54 -18.88 -4.45
N ASP B 36 35.48 -18.65 -3.54
CA ASP B 36 36.56 -19.60 -3.29
C ASP B 36 36.08 -20.96 -2.79
N VAL B 37 34.99 -20.99 -2.04
CA VAL B 37 34.48 -22.24 -1.48
C VAL B 37 33.21 -22.70 -2.15
N GLY B 38 32.90 -22.18 -3.33
CA GLY B 38 31.76 -22.67 -4.10
C GLY B 38 30.47 -21.92 -3.86
N GLN B 39 30.50 -20.80 -3.15
CA GLN B 39 29.29 -20.06 -2.83
C GLN B 39 28.67 -19.35 -4.01
N LEU B 40 29.43 -19.14 -5.09
CA LEU B 40 28.89 -18.54 -6.30
C LEU B 40 28.13 -19.57 -7.13
N GLY B 41 28.47 -20.85 -6.95
CA GLY B 41 27.85 -21.95 -7.63
C GLY B 41 28.11 -21.94 -9.13
N LEU B 42 29.26 -21.45 -9.55
CA LEU B 42 29.60 -21.34 -10.96
C LEU B 42 30.70 -22.31 -11.35
N GLY B 43 30.92 -23.33 -10.51
CA GLY B 43 31.89 -24.37 -10.80
C GLY B 43 33.27 -24.03 -10.25
N GLU B 44 34.21 -24.96 -10.48
CA GLU B 44 35.56 -24.86 -9.98
C GLU B 44 36.36 -23.74 -10.63
N ASN B 45 35.94 -23.28 -11.80
CA ASN B 45 36.74 -22.32 -12.55
C ASN B 45 36.48 -20.88 -12.20
N VAL B 46 35.37 -20.58 -11.55
CA VAL B 46 35.02 -19.19 -11.24
C VAL B 46 35.11 -18.90 -9.74
N MET B 47 36.20 -18.26 -9.33
CA MET B 47 36.46 -18.01 -7.93
C MET B 47 36.03 -16.62 -7.48
N GLU B 48 35.70 -15.77 -8.44
CA GLU B 48 35.30 -14.40 -8.15
C GLU B 48 34.45 -13.85 -9.30
N ARG B 49 33.43 -13.08 -8.97
CA ARG B 49 32.65 -12.38 -10.00
C ARG B 49 32.26 -11.00 -9.49
N LYS B 50 32.60 -9.96 -10.25
CA LYS B 50 32.74 -8.58 -10.14
C LYS B 50 31.35 -8.08 -10.50
N LYS B 51 30.71 -8.76 -11.43
CA LYS B 51 29.34 -8.49 -11.85
C LYS B 51 28.50 -9.78 -11.74
N PRO B 52 27.19 -9.64 -11.65
CA PRO B 52 26.32 -10.79 -11.53
C PRO B 52 26.47 -11.77 -12.67
N ALA B 53 26.50 -13.06 -12.34
CA ALA B 53 26.54 -14.13 -13.33
C ALA B 53 25.42 -15.14 -13.08
N LEU B 54 24.87 -15.69 -14.15
CA LEU B 54 23.79 -16.65 -14.06
C LEU B 54 24.22 -17.98 -13.48
N VAL B 55 23.48 -18.47 -12.50
CA VAL B 55 23.66 -19.84 -11.96
C VAL B 55 22.58 -20.75 -12.56
N SER B 56 22.96 -21.63 -13.48
CA SER B 56 21.98 -22.48 -14.15
C SER B 56 21.51 -23.62 -13.27
N ILE B 57 20.21 -23.66 -13.02
CA ILE B 57 19.54 -24.70 -12.23
C ILE B 57 18.41 -25.21 -13.12
N PRO B 58 18.11 -26.48 -13.12
CA PRO B 58 17.16 -27.07 -14.06
C PRO B 58 15.72 -26.79 -13.75
N GLU B 59 15.41 -25.79 -12.95
CA GLU B 59 14.10 -25.34 -12.60
C GLU B 59 14.14 -23.81 -12.30
N ASP B 60 12.95 -23.21 -12.31
CA ASP B 60 12.83 -21.81 -11.88
C ASP B 60 12.90 -21.76 -10.34
N VAL B 61 13.41 -20.65 -9.83
CA VAL B 61 13.65 -20.52 -8.37
C VAL B 61 12.77 -19.43 -7.79
N VAL B 62 12.16 -19.67 -6.63
CA VAL B 62 11.32 -18.64 -6.01
C VAL B 62 11.98 -17.93 -4.86
N GLN B 63 13.04 -18.51 -4.29
CA GLN B 63 13.73 -17.84 -3.17
C GLN B 63 15.22 -18.18 -3.24
N ALA B 64 16.08 -17.21 -2.94
CA ALA B 64 17.52 -17.45 -2.98
C ALA B 64 18.23 -16.70 -1.85
N GLU B 65 18.80 -17.47 -0.92
CA GLU B 65 19.38 -16.89 0.29
C GLU B 65 20.89 -17.12 0.34
N ALA B 66 21.62 -16.11 0.80
CA ALA B 66 23.07 -16.25 0.98
C ALA B 66 23.40 -16.50 2.46
N GLY B 67 24.02 -17.63 2.75
CA GLY B 67 24.58 -17.86 4.08
C GLY B 67 25.97 -17.24 4.16
N GLY B 68 26.72 -17.61 5.19
CA GLY B 68 28.05 -16.97 5.38
C GLY B 68 28.96 -17.30 4.20
N MET B 69 29.05 -18.58 3.88
CA MET B 69 29.91 -19.06 2.79
C MET B 69 29.18 -20.07 1.92
N HIS B 70 27.86 -19.97 1.89
CA HIS B 70 27.06 -20.90 1.08
C HIS B 70 25.79 -20.19 0.59
N THR B 71 25.08 -20.86 -0.30
CA THR B 71 23.89 -20.31 -0.94
C THR B 71 22.82 -21.37 -1.05
N VAL B 72 21.58 -20.99 -0.67
CA VAL B 72 20.47 -21.95 -0.68
C VAL B 72 19.36 -21.40 -1.60
N CYS B 73 18.90 -22.22 -2.52
CA CYS B 73 17.89 -21.80 -3.48
C CYS B 73 16.67 -22.69 -3.39
N LEU B 74 15.49 -22.09 -3.52
CA LEU B 74 14.26 -22.91 -3.45
C LEU B 74 13.51 -22.83 -4.78
N SER B 75 13.28 -24.01 -5.38
CA SER B 75 12.61 -24.04 -6.69
C SER B 75 11.13 -23.81 -6.54
N LYS B 76 10.47 -23.58 -7.70
CA LYS B 76 9.03 -23.34 -7.68
C LYS B 76 8.27 -24.56 -7.25
N SER B 77 8.79 -25.77 -7.50
CA SER B 77 8.12 -26.99 -7.11
C SER B 77 8.42 -27.45 -5.69
N GLY B 78 9.27 -26.73 -4.97
CA GLY B 78 9.54 -27.04 -3.58
C GLY B 78 10.82 -27.82 -3.39
N GLN B 79 11.73 -27.76 -4.35
CA GLN B 79 13.01 -28.44 -4.26
C GLN B 79 14.13 -27.49 -3.85
N VAL B 80 14.85 -27.89 -2.79
CA VAL B 80 15.96 -27.07 -2.30
C VAL B 80 17.28 -27.44 -2.99
N TYR B 81 18.02 -26.41 -3.41
CA TYR B 81 19.33 -26.59 -4.03
C TYR B 81 20.35 -25.82 -3.17
N SER B 82 21.59 -26.31 -3.12
CA SER B 82 22.59 -25.64 -2.29
C SER B 82 23.98 -25.73 -2.93
N PHE B 83 24.81 -24.77 -2.59
CA PHE B 83 26.19 -24.73 -3.07
C PHE B 83 27.03 -23.85 -2.17
N GLY B 84 28.30 -24.23 -2.02
CA GLY B 84 29.21 -23.49 -1.13
C GLY B 84 29.88 -24.46 -0.17
N CYS B 85 30.33 -23.90 0.94
CA CYS B 85 31.13 -24.64 1.91
C CYS B 85 30.28 -25.66 2.65
N ASN B 86 30.70 -26.92 2.64
CA ASN B 86 29.97 -27.99 3.30
C ASN B 86 30.74 -28.60 4.46
N ASP B 87 31.76 -27.87 4.93
CA ASP B 87 32.61 -28.38 6.02
C ASP B 87 31.83 -28.58 7.30
N GLU B 88 30.82 -27.75 7.56
CA GLU B 88 29.99 -27.89 8.73
C GLU B 88 28.65 -28.56 8.43
N GLY B 89 28.41 -28.93 7.18
CA GLY B 89 27.18 -29.58 6.80
C GLY B 89 26.13 -28.64 6.24
N ALA B 90 26.47 -27.39 6.00
CA ALA B 90 25.50 -26.38 5.56
C ALA B 90 24.79 -26.70 4.27
N LEU B 91 25.36 -27.47 3.37
CA LEU B 91 24.73 -27.78 2.09
C LEU B 91 23.63 -28.81 2.20
N GLY B 92 23.69 -29.67 3.22
CA GLY B 92 22.68 -30.68 3.45
C GLY B 92 22.60 -31.74 2.40
N ARG B 93 23.73 -32.09 1.78
CA ARG B 93 23.81 -33.14 0.78
C ARG B 93 25.26 -33.66 0.75
N ASP B 94 25.43 -34.91 0.32
CA ASP B 94 26.80 -35.46 0.28
C ASP B 94 27.64 -34.82 -0.82
N THR B 95 28.80 -34.29 -0.45
CA THR B 95 29.71 -33.68 -1.41
C THR B 95 31.08 -34.37 -1.39
N SER B 96 31.04 -35.70 -1.40
CA SER B 96 32.29 -36.48 -1.34
C SER B 96 33.09 -36.37 -2.63
N VAL B 97 32.40 -36.30 -3.76
CA VAL B 97 33.07 -36.04 -5.04
C VAL B 97 33.71 -34.65 -5.01
N GLU B 98 35.01 -34.59 -5.26
CA GLU B 98 35.70 -33.29 -5.28
C GLU B 98 34.97 -32.36 -6.25
N GLY B 99 34.70 -31.13 -5.83
CA GLY B 99 34.05 -30.15 -6.65
C GLY B 99 32.56 -30.16 -6.68
N SER B 100 31.88 -31.15 -6.12
CA SER B 100 30.42 -31.24 -6.14
C SER B 100 29.74 -30.11 -5.39
N GLU B 101 30.47 -29.45 -4.49
CA GLU B 101 29.92 -28.33 -3.75
C GLU B 101 29.99 -27.01 -4.49
N MET B 102 30.67 -26.96 -5.64
CA MET B 102 30.86 -25.71 -6.37
C MET B 102 29.76 -25.40 -7.36
N VAL B 103 28.84 -26.34 -7.56
CA VAL B 103 27.68 -26.14 -8.42
C VAL B 103 26.43 -26.54 -7.62
N PRO B 104 25.27 -26.06 -8.00
CA PRO B 104 24.04 -26.42 -7.33
C PRO B 104 23.82 -27.92 -7.26
N GLY B 105 23.31 -28.39 -6.14
CA GLY B 105 22.95 -29.79 -5.93
C GLY B 105 21.70 -29.87 -5.06
N LYS B 106 20.95 -30.96 -5.22
CA LYS B 106 19.69 -31.09 -4.49
C LYS B 106 19.87 -31.46 -3.03
N VAL B 107 19.03 -30.88 -2.18
CA VAL B 107 18.82 -31.36 -0.80
C VAL B 107 17.59 -32.26 -0.80
N GLU B 108 17.75 -33.53 -0.46
CA GLU B 108 16.62 -34.46 -0.57
C GLU B 108 15.69 -34.42 0.61
N LEU B 109 14.43 -34.09 0.36
CA LEU B 109 13.36 -34.13 1.37
C LEU B 109 12.09 -34.68 0.66
N GLN B 110 11.26 -35.40 1.37
CA GLN B 110 10.01 -35.91 0.83
C GLN B 110 9.03 -34.79 0.52
N GLU B 111 8.81 -33.88 1.46
CA GLU B 111 7.80 -32.86 1.32
C GLU B 111 8.29 -31.61 0.59
N LYS B 112 7.30 -30.88 0.06
CA LYS B 112 7.59 -29.64 -0.67
C LYS B 112 8.02 -28.55 0.29
N VAL B 113 9.12 -27.87 -0.03
CA VAL B 113 9.58 -26.77 0.83
C VAL B 113 9.04 -25.43 0.34
N VAL B 114 8.61 -24.59 1.29
CA VAL B 114 8.01 -23.31 0.96
C VAL B 114 8.80 -22.10 1.42
N GLN B 115 9.81 -22.28 2.27
CA GLN B 115 10.69 -21.19 2.67
C GLN B 115 12.02 -21.71 3.23
N VAL B 116 13.09 -20.99 2.91
CA VAL B 116 14.42 -21.37 3.44
C VAL B 116 15.03 -20.20 4.19
N SER B 117 16.05 -20.50 5.01
CA SER B 117 16.86 -19.44 5.60
C SER B 117 18.31 -19.94 5.68
N ALA B 118 19.25 -19.01 5.75
CA ALA B 118 20.66 -19.49 5.83
C ALA B 118 21.43 -18.58 6.79
N GLY B 119 22.25 -19.20 7.61
CA GLY B 119 23.16 -18.44 8.48
C GLY B 119 24.62 -18.67 8.07
N ASP B 120 25.50 -18.44 9.05
CA ASP B 120 26.94 -18.54 8.79
C ASP B 120 27.33 -19.94 8.38
N SER B 121 26.84 -20.98 9.06
CA SER B 121 27.18 -22.34 8.76
C SER B 121 25.99 -23.30 8.85
N HIS B 122 24.79 -22.74 8.78
CA HIS B 122 23.57 -23.55 8.88
C HIS B 122 22.58 -23.14 7.80
N THR B 123 21.58 -23.99 7.62
CA THR B 123 20.50 -23.75 6.66
C THR B 123 19.21 -24.32 7.28
N ALA B 124 18.10 -23.64 7.10
CA ALA B 124 16.81 -24.18 7.56
C ALA B 124 15.79 -24.18 6.42
N ALA B 125 14.85 -25.10 6.48
CA ALA B 125 13.80 -25.20 5.46
C ALA B 125 12.46 -25.46 6.14
N LEU B 126 11.44 -24.77 5.68
CA LEU B 126 10.07 -24.95 6.18
C LEU B 126 9.24 -25.70 5.15
N THR B 127 8.67 -26.84 5.52
CA THR B 127 7.85 -27.60 4.56
C THR B 127 6.46 -26.99 4.47
N ASP B 128 5.67 -27.46 3.49
CA ASP B 128 4.34 -26.87 3.29
C ASP B 128 3.35 -27.24 4.36
N ASP B 129 3.67 -28.19 5.24
CA ASP B 129 2.77 -28.45 6.37
C ASP B 129 3.36 -27.95 7.68
N GLY B 130 4.30 -27.01 7.59
CA GLY B 130 4.79 -26.29 8.73
C GLY B 130 5.81 -26.98 9.59
N ARG B 131 6.50 -27.99 9.06
CA ARG B 131 7.61 -28.62 9.77
C ARG B 131 8.93 -27.97 9.38
N VAL B 132 9.83 -27.85 10.34
CA VAL B 132 11.10 -27.17 10.11
C VAL B 132 12.26 -28.18 10.09
N PHE B 133 13.06 -28.14 9.05
CA PHE B 133 14.27 -28.93 8.96
C PHE B 133 15.50 -28.03 9.04
N LEU B 134 16.55 -28.53 9.68
CA LEU B 134 17.75 -27.74 9.96
C LEU B 134 18.98 -28.59 9.72
N TRP B 135 20.02 -28.00 9.16
CA TRP B 135 21.29 -28.68 8.94
C TRP B 135 22.47 -27.73 9.05
N GLY B 136 23.68 -28.28 9.25
CA GLY B 136 24.88 -27.46 9.41
C GLY B 136 25.28 -27.39 10.88
N SER B 137 25.73 -26.24 11.34
CA SER B 137 26.06 -26.06 12.75
C SER B 137 25.98 -24.59 13.15
N PHE B 138 25.97 -24.31 14.43
CA PHE B 138 26.02 -22.98 14.98
C PHE B 138 27.38 -22.82 15.74
N ARG B 139 27.86 -21.62 15.83
CA ARG B 139 29.09 -21.33 16.58
C ARG B 139 28.96 -19.98 17.29
N ASP B 140 29.84 -19.75 18.24
CA ASP B 140 29.82 -18.82 19.32
C ASP B 140 31.18 -18.17 19.04
N ASN B 141 31.60 -17.21 19.84
CA ASN B 141 32.91 -16.58 19.54
C ASN B 141 34.03 -17.61 19.54
N ASN B 142 33.97 -18.60 20.43
CA ASN B 142 35.06 -19.55 20.56
C ASN B 142 35.06 -20.67 19.55
N GLY B 143 33.92 -21.18 19.12
CA GLY B 143 33.93 -22.34 18.21
C GLY B 143 32.53 -22.94 18.06
N VAL B 144 32.45 -24.08 17.42
CA VAL B 144 31.16 -24.75 17.18
C VAL B 144 30.52 -25.14 18.49
N ILE B 145 29.19 -24.97 18.57
CA ILE B 145 28.41 -25.31 19.71
C ILE B 145 27.44 -26.47 19.43
N GLY B 146 27.30 -26.82 18.17
CA GLY B 146 26.37 -27.93 17.82
C GLY B 146 25.21 -27.38 16.98
N LEU B 147 24.16 -28.19 16.84
CA LEU B 147 22.99 -27.74 16.05
C LEU B 147 21.73 -27.97 16.87
N LEU B 148 21.31 -29.23 16.97
CA LEU B 148 20.17 -29.59 17.78
C LEU B 148 20.62 -30.32 19.06
N GLU B 149 21.84 -30.79 19.06
CA GLU B 149 22.43 -31.44 20.26
C GLU B 149 23.79 -30.75 20.50
N PRO B 150 24.25 -30.75 21.74
CA PRO B 150 25.50 -30.07 22.06
C PRO B 150 26.67 -30.61 21.27
N MET B 151 27.40 -29.74 20.61
CA MET B 151 28.70 -29.98 19.97
C MET B 151 28.50 -30.78 18.67
N LYS B 152 27.36 -31.20 18.22
CA LYS B 152 27.25 -31.99 17.01
C LYS B 152 26.65 -31.16 15.86
N LYS B 153 27.40 -31.11 14.75
CA LYS B 153 26.79 -30.57 13.51
C LYS B 153 25.87 -31.65 12.95
N SER B 154 25.08 -31.31 11.95
CA SER B 154 24.39 -32.33 11.16
C SER B 154 24.66 -32.10 9.67
N MET B 155 25.14 -33.15 9.00
CA MET B 155 25.34 -33.06 7.55
C MET B 155 23.99 -33.26 6.84
N VAL B 156 23.07 -33.88 7.54
CA VAL B 156 21.76 -34.22 6.97
C VAL B 156 20.68 -33.35 7.57
N PRO B 157 19.64 -33.06 6.80
CA PRO B 157 18.48 -32.33 7.34
C PRO B 157 17.85 -33.10 8.48
N VAL B 158 17.66 -32.39 9.60
CA VAL B 158 17.05 -32.93 10.79
C VAL B 158 15.82 -32.08 11.18
N GLN B 159 14.76 -32.80 11.57
CA GLN B 159 13.53 -32.10 11.92
C GLN B 159 13.66 -31.45 13.28
N VAL B 160 13.32 -30.18 13.36
CA VAL B 160 13.30 -29.47 14.67
C VAL B 160 12.07 -29.93 15.44
N GLN B 161 12.25 -30.27 16.71
CA GLN B 161 11.16 -30.84 17.50
C GLN B 161 10.16 -29.78 17.98
N LEU B 162 9.02 -29.67 17.32
CA LEU B 162 7.94 -28.78 17.72
C LEU B 162 6.56 -29.39 17.54
N ASP B 163 5.57 -28.90 18.32
CA ASP B 163 4.24 -29.48 18.29
C ASP B 163 3.22 -28.65 17.55
N VAL B 164 3.63 -27.60 16.88
CA VAL B 164 2.69 -26.65 16.24
C VAL B 164 3.29 -26.25 14.89
N PRO B 165 2.46 -26.14 13.86
CA PRO B 165 2.94 -25.74 12.55
C PRO B 165 3.58 -24.36 12.60
N VAL B 166 4.69 -24.24 11.92
CA VAL B 166 5.45 -22.99 11.83
C VAL B 166 5.08 -22.31 10.50
N VAL B 167 4.94 -21.00 10.51
CA VAL B 167 4.62 -20.26 9.29
C VAL B 167 5.77 -19.46 8.75
N LYS B 168 6.81 -19.22 9.55
CA LYS B 168 7.98 -18.50 9.03
C LYS B 168 9.26 -18.94 9.75
N VAL B 169 10.31 -19.13 8.98
CA VAL B 169 11.67 -19.29 9.56
C VAL B 169 12.55 -18.12 9.16
N ALA B 170 13.45 -17.70 10.05
CA ALA B 170 14.44 -16.68 9.73
C ALA B 170 15.74 -17.00 10.48
N SER B 171 16.87 -16.72 9.87
CA SER B 171 18.15 -17.08 10.48
C SER B 171 19.04 -15.86 10.67
N GLY B 172 19.77 -15.82 11.78
CA GLY B 172 20.88 -14.90 11.95
C GLY B 172 22.17 -15.70 11.62
N ASN B 173 23.32 -15.16 11.95
CA ASN B 173 24.55 -15.95 11.64
C ASN B 173 24.52 -17.28 12.36
N ASP B 174 24.07 -17.31 13.62
CA ASP B 174 24.16 -18.54 14.41
C ASP B 174 22.97 -18.75 15.30
N HIS B 175 21.79 -18.34 14.81
CA HIS B 175 20.56 -18.64 15.52
C HIS B 175 19.41 -18.79 14.51
N LEU B 176 18.41 -19.52 14.92
CA LEU B 176 17.23 -19.78 14.09
C LEU B 176 15.99 -19.33 14.85
N VAL B 177 15.11 -18.60 14.18
CA VAL B 177 13.83 -18.23 14.81
C VAL B 177 12.68 -18.81 13.95
N MET B 178 11.65 -19.22 14.66
CA MET B 178 10.51 -19.93 14.07
C MET B 178 9.21 -19.34 14.62
N LEU B 179 8.43 -18.77 13.71
CA LEU B 179 7.15 -18.15 14.14
C LEU B 179 6.04 -19.15 13.91
N THR B 180 5.34 -19.55 14.97
CA THR B 180 4.29 -20.56 14.80
C THR B 180 3.02 -19.88 14.26
N ALA B 181 2.11 -20.71 13.76
CA ALA B 181 0.83 -20.20 13.26
C ALA B 181 0.04 -19.47 14.32
N ASP B 182 0.23 -19.80 15.60
CA ASP B 182 -0.42 -19.13 16.70
C ASP B 182 0.29 -17.90 17.21
N GLY B 183 1.41 -17.50 16.60
CA GLY B 183 2.12 -16.30 16.96
C GLY B 183 3.15 -16.47 18.06
N ASP B 184 3.48 -17.71 18.40
CA ASP B 184 4.61 -17.90 19.36
C ASP B 184 5.93 -17.87 18.58
N LEU B 185 6.94 -17.27 19.20
CA LEU B 185 8.27 -17.19 18.58
C LEU B 185 9.22 -18.14 19.30
N TYR B 186 9.66 -19.17 18.59
CA TYR B 186 10.60 -20.15 19.15
C TYR B 186 12.00 -19.86 18.58
N THR B 187 13.00 -19.92 19.46
CA THR B 187 14.37 -19.59 19.04
C THR B 187 15.32 -20.68 19.53
N LEU B 188 16.38 -20.90 18.76
CA LEU B 188 17.41 -21.85 19.16
C LEU B 188 18.75 -21.50 18.49
N GLY B 189 19.84 -21.95 19.07
CA GLY B 189 21.17 -21.70 18.51
C GLY B 189 22.06 -20.96 19.50
N CYS B 190 22.99 -20.16 18.99
CA CYS B 190 23.81 -19.34 19.86
C CYS B 190 22.99 -18.22 20.51
N GLY B 191 23.18 -18.04 21.84
CA GLY B 191 22.54 -16.96 22.55
C GLY B 191 23.48 -16.02 23.28
N GLU B 192 24.73 -15.97 22.85
CA GLU B 192 25.81 -15.25 23.48
C GLU B 192 25.64 -13.76 23.53
N GLN B 193 24.96 -13.17 22.54
CA GLN B 193 24.67 -11.75 22.53
C GLN B 193 23.22 -11.43 22.87
N GLY B 194 22.43 -12.44 23.22
CA GLY B 194 21.04 -12.22 23.60
C GLY B 194 20.08 -12.36 22.44
N GLN B 195 20.53 -12.96 21.34
CA GLN B 195 19.72 -13.06 20.12
C GLN B 195 18.64 -14.10 20.19
N LEU B 196 18.67 -14.98 21.21
CA LEU B 196 17.58 -15.92 21.42
C LEU B 196 16.40 -15.30 22.16
N GLY B 197 16.66 -14.26 22.95
CA GLY B 197 15.60 -13.52 23.62
C GLY B 197 14.92 -14.29 24.74
N ARG B 198 15.57 -15.30 25.31
CA ARG B 198 14.91 -16.16 26.28
C ARG B 198 15.92 -16.78 27.24
N VAL B 199 17.11 -16.22 27.21
CA VAL B 199 18.23 -16.67 28.04
C VAL B 199 18.82 -15.45 28.75
N PRO B 200 18.97 -15.55 30.06
CA PRO B 200 19.60 -14.50 30.85
C PRO B 200 21.06 -14.33 30.41
N GLU B 201 21.65 -13.18 30.70
CA GLU B 201 23.06 -12.92 30.42
C GLU B 201 23.95 -13.94 31.12
N LEU B 202 23.52 -14.40 32.29
CA LEU B 202 24.17 -15.44 33.05
C LEU B 202 24.47 -16.70 32.23
N PHE B 203 23.60 -16.97 31.26
CA PHE B 203 23.70 -18.20 30.46
C PHE B 203 24.19 -17.91 29.05
N ALA B 204 24.87 -16.80 28.91
CA ALA B 204 25.41 -16.35 27.63
C ALA B 204 26.54 -17.26 27.13
N ASN B 205 27.42 -17.74 28.01
CA ASN B 205 28.49 -18.59 27.47
C ASN B 205 28.15 -20.08 27.46
N ARG B 206 27.46 -20.63 26.56
CA ARG B 206 27.38 -22.10 26.57
C ARG B 206 26.23 -22.70 27.38
N GLY B 207 25.25 -21.84 27.58
CA GLY B 207 24.05 -22.16 28.37
C GLY B 207 24.41 -22.04 29.92
N GLY B 208 25.65 -21.55 30.28
CA GLY B 208 26.17 -21.45 31.73
C GLY B 208 25.90 -22.77 32.37
N ARG B 209 25.20 -22.62 33.45
CA ARG B 209 25.01 -23.68 34.40
C ARG B 209 23.84 -24.51 34.14
N GLN B 210 23.35 -24.45 32.95
CA GLN B 210 22.14 -25.15 32.76
C GLN B 210 22.08 -25.75 31.34
N GLY B 211 23.34 -26.07 30.91
CA GLY B 211 23.80 -26.80 29.62
C GLY B 211 23.42 -26.01 28.38
N LEU B 212 24.03 -26.54 27.33
CA LEU B 212 23.88 -26.10 25.95
C LEU B 212 22.49 -26.55 25.47
N GLU B 213 22.03 -27.70 26.01
CA GLU B 213 20.82 -28.31 25.47
C GLU B 213 19.62 -27.37 25.55
N ARG B 214 19.61 -26.47 26.51
CA ARG B 214 18.56 -25.46 26.63
C ARG B 214 18.62 -24.47 25.47
N LEU B 215 19.82 -24.11 25.04
CA LEU B 215 19.97 -23.15 23.94
C LEU B 215 19.58 -23.77 22.59
N LEU B 216 19.87 -25.06 22.44
CA LEU B 216 19.71 -25.73 21.17
C LEU B 216 18.35 -26.39 20.97
N VAL B 217 17.56 -26.49 22.03
CA VAL B 217 16.17 -27.02 21.82
C VAL B 217 15.27 -25.79 21.60
N PRO B 218 14.26 -25.92 20.75
CA PRO B 218 13.40 -24.77 20.47
C PRO B 218 12.58 -24.45 21.72
N LYS B 219 12.69 -23.22 22.18
CA LYS B 219 11.92 -22.73 23.31
C LYS B 219 11.43 -21.33 22.93
N CYS B 220 10.27 -21.06 23.48
CA CYS B 220 9.44 -19.88 23.21
C CYS B 220 9.87 -18.62 24.00
N VAL B 221 9.80 -17.47 23.31
CA VAL B 221 10.06 -16.14 23.92
C VAL B 221 8.84 -15.81 24.78
N MET B 222 9.08 -15.48 26.04
CA MET B 222 7.97 -15.28 26.98
C MET B 222 7.95 -13.92 27.63
N LEU B 223 7.04 -13.04 27.19
CA LEU B 223 6.89 -11.74 27.79
C LEU B 223 5.42 -11.48 28.25
N LYS B 224 5.32 -10.69 29.29
CA LYS B 224 4.24 -9.84 29.64
C LYS B 224 2.86 -10.27 29.07
N SER B 225 2.23 -9.17 28.71
CA SER B 225 0.92 -8.98 28.04
C SER B 225 0.63 -7.48 28.22
N ARG B 226 1.23 -6.70 27.33
CA ARG B 226 1.21 -5.22 27.38
C ARG B 226 -0.23 -4.68 27.37
N GLY B 227 -0.84 -5.23 28.42
CA GLY B 227 -2.20 -5.06 28.96
C GLY B 227 -2.16 -5.75 30.35
N SER B 228 -3.15 -6.61 30.68
CA SER B 228 -3.12 -7.27 32.01
C SER B 228 -3.56 -8.78 32.02
N ARG B 229 -2.82 -9.64 31.29
CA ARG B 229 -3.05 -11.13 31.31
C ARG B 229 -2.88 -11.78 29.91
N GLY B 230 -1.88 -12.64 29.82
CA GLY B 230 -1.53 -13.38 28.59
C GLY B 230 0.01 -13.36 28.44
N HIS B 231 0.56 -14.00 27.42
CA HIS B 231 1.96 -13.75 27.06
C HIS B 231 2.00 -13.20 25.63
N VAL B 232 2.81 -12.21 25.38
CA VAL B 232 2.86 -11.53 24.09
C VAL B 232 3.02 -12.51 22.93
N ARG B 233 2.24 -12.30 21.87
CA ARG B 233 2.37 -13.06 20.64
C ARG B 233 2.74 -12.15 19.48
N PHE B 234 3.32 -12.73 18.42
CA PHE B 234 3.93 -11.98 17.36
C PHE B 234 3.36 -12.24 15.97
N GLN B 235 3.33 -11.18 15.15
CA GLN B 235 2.83 -11.29 13.79
C GLN B 235 3.93 -11.45 12.77
N ASP B 236 5.18 -11.17 13.14
CA ASP B 236 6.31 -11.40 12.21
C ASP B 236 7.63 -11.34 13.00
N ALA B 237 8.69 -11.82 12.35
CA ALA B 237 10.03 -11.76 13.03
C ALA B 237 11.10 -11.83 11.95
N PHE B 238 12.25 -11.20 12.24
CA PHE B 238 13.34 -11.08 11.29
C PHE B 238 14.66 -11.19 12.10
N CYS B 239 15.74 -11.49 11.40
CA CYS B 239 17.03 -11.56 12.07
C CYS B 239 18.09 -10.71 11.38
N GLY B 240 19.00 -10.21 12.19
CA GLY B 240 20.26 -9.64 11.71
C GLY B 240 21.34 -10.68 12.08
N ALA B 241 22.60 -10.33 11.89
CA ALA B 241 23.64 -11.35 12.14
C ALA B 241 23.61 -11.88 13.56
N TYR B 242 23.45 -11.01 14.57
CA TYR B 242 23.53 -11.42 15.96
C TYR B 242 22.38 -10.85 16.78
N PHE B 243 21.24 -10.61 16.13
CA PHE B 243 20.13 -9.90 16.77
C PHE B 243 18.83 -10.24 16.05
N THR B 244 17.72 -9.96 16.72
CA THR B 244 16.40 -10.34 16.22
C THR B 244 15.42 -9.19 16.44
N PHE B 245 14.54 -8.99 15.46
CA PHE B 245 13.41 -8.06 15.63
C PHE B 245 12.12 -8.86 15.55
N ALA B 246 11.23 -8.65 16.51
CA ALA B 246 9.96 -9.39 16.52
C ALA B 246 8.80 -8.40 16.70
N ILE B 247 7.86 -8.47 15.76
CA ILE B 247 6.72 -7.54 15.79
C ILE B 247 5.53 -8.18 16.47
N SER B 248 5.04 -7.58 17.56
CA SER B 248 3.91 -8.16 18.27
C SER B 248 2.62 -7.99 17.46
N HIS B 249 1.58 -8.70 17.90
CA HIS B 249 0.25 -8.54 17.32
C HIS B 249 -0.24 -7.11 17.42
N GLU B 250 0.18 -6.37 18.43
CA GLU B 250 -0.22 -4.97 18.66
C GLU B 250 0.55 -4.07 17.69
N GLY B 251 1.67 -4.45 17.14
CA GLY B 251 2.40 -3.64 16.19
C GLY B 251 3.68 -3.05 16.77
N HIS B 252 4.01 -3.42 17.99
CA HIS B 252 5.26 -2.95 18.62
C HIS B 252 6.45 -3.80 18.16
N VAL B 253 7.58 -3.16 17.96
CA VAL B 253 8.80 -3.78 17.50
C VAL B 253 9.67 -4.11 18.72
N TYR B 254 9.91 -5.39 18.92
CA TYR B 254 10.76 -5.84 20.01
C TYR B 254 12.14 -6.20 19.44
N GLY B 255 13.19 -5.80 20.15
CA GLY B 255 14.54 -6.15 19.70
C GLY B 255 15.27 -6.92 20.80
N PHE B 256 16.06 -7.91 20.38
CA PHE B 256 16.99 -8.56 21.32
C PHE B 256 18.24 -8.99 20.54
N GLY B 257 19.39 -8.93 21.26
CA GLY B 257 20.64 -9.33 20.60
C GLY B 257 21.69 -8.23 20.72
N LEU B 258 22.69 -8.31 19.86
CA LEU B 258 23.83 -7.39 19.88
C LEU B 258 23.43 -5.99 19.51
N SER B 259 23.98 -4.99 20.22
CA SER B 259 23.71 -3.59 19.89
C SER B 259 24.94 -2.74 20.22
N ASN B 260 26.12 -3.32 19.91
CA ASN B 260 27.38 -2.66 20.24
C ASN B 260 27.65 -1.43 19.43
N TYR B 261 26.94 -1.23 18.31
CA TYR B 261 27.00 -0.01 17.53
C TYR B 261 25.60 0.58 17.37
N HIS B 262 24.73 0.27 18.33
CA HIS B 262 23.36 0.75 18.37
C HIS B 262 22.49 0.17 17.26
N GLN B 263 22.87 -0.97 16.72
CA GLN B 263 22.21 -1.55 15.56
C GLN B 263 20.82 -2.05 15.86
N LEU B 264 20.49 -2.30 17.12
CA LEU B 264 19.15 -2.69 17.52
C LEU B 264 18.21 -1.50 17.63
N GLY B 265 18.74 -0.29 17.59
CA GLY B 265 17.87 0.90 17.77
C GLY B 265 17.64 1.18 19.24
N THR B 266 18.70 1.01 20.03
CA THR B 266 18.71 1.33 21.45
C THR B 266 19.67 2.48 21.73
N PRO B 267 19.40 3.25 22.78
CA PRO B 267 20.27 4.34 23.19
C PRO B 267 21.62 3.88 23.68
N GLY B 268 21.69 2.75 24.38
CA GLY B 268 22.97 2.24 24.87
C GLY B 268 23.50 1.10 24.01
N THR B 269 24.70 0.59 24.36
CA THR B 269 25.39 -0.38 23.53
C THR B 269 25.54 -1.75 24.15
N GLU B 270 24.99 -2.01 25.34
CA GLU B 270 25.08 -3.36 25.92
C GLU B 270 24.15 -4.33 25.17
N SER B 271 24.50 -5.62 25.19
CA SER B 271 23.67 -6.58 24.42
C SER B 271 22.35 -6.77 25.17
N CYS B 272 21.28 -6.99 24.41
CA CYS B 272 19.94 -7.09 25.01
C CYS B 272 19.47 -8.52 25.06
N PHE B 273 19.44 -9.10 26.27
CA PHE B 273 19.07 -10.50 26.45
C PHE B 273 17.58 -10.69 26.65
N ILE B 274 16.95 -9.70 27.27
CA ILE B 274 15.46 -9.76 27.45
C ILE B 274 14.85 -8.83 26.42
N PRO B 275 13.93 -9.32 25.61
CA PRO B 275 13.37 -8.51 24.52
C PRO B 275 12.92 -7.15 25.04
N GLN B 276 13.24 -6.12 24.29
CA GLN B 276 12.91 -4.74 24.63
C GLN B 276 11.90 -4.19 23.60
N ASN B 277 10.86 -3.53 24.07
CA ASN B 277 10.01 -2.71 23.18
C ASN B 277 10.79 -1.49 22.72
N LEU B 278 11.19 -1.48 21.45
CA LEU B 278 12.02 -0.44 20.91
C LEU B 278 11.24 0.85 20.64
N THR B 279 11.48 1.86 21.47
CA THR B 279 10.74 3.12 21.32
C THR B 279 11.23 3.96 20.15
N SER B 280 12.41 3.63 19.61
CA SER B 280 12.87 4.21 18.36
C SER B 280 12.05 3.79 17.17
N PHE B 281 11.21 2.76 17.30
CA PHE B 281 10.36 2.30 16.23
C PHE B 281 8.88 2.50 16.42
N LYS B 282 8.41 3.28 17.38
CA LYS B 282 6.96 3.36 17.65
C LYS B 282 6.17 4.15 16.64
N ASN B 283 4.99 3.70 16.26
CA ASN B 283 4.14 4.02 15.10
C ASN B 283 4.12 5.53 14.88
N SER B 284 5.17 6.13 14.34
CA SER B 284 5.09 7.49 13.78
C SER B 284 3.91 7.49 12.79
N THR B 285 4.11 6.76 11.71
CA THR B 285 3.20 6.64 10.60
C THR B 285 3.76 5.49 9.70
N LYS B 286 4.93 5.03 10.14
CA LYS B 286 5.64 3.96 9.48
C LYS B 286 5.26 2.59 10.06
N SER B 287 4.55 1.80 9.26
CA SER B 287 4.28 0.40 9.68
C SER B 287 5.50 -0.42 9.24
N TRP B 288 6.20 -0.99 10.21
CA TRP B 288 7.49 -1.64 9.91
C TRP B 288 7.30 -3.02 9.34
N VAL B 289 7.65 -3.20 8.06
CA VAL B 289 7.41 -4.40 7.33
C VAL B 289 8.60 -5.22 6.94
N GLY B 290 9.83 -4.74 7.13
CA GLY B 290 10.99 -5.57 6.72
C GLY B 290 12.23 -5.13 7.49
N PHE B 291 12.97 -6.11 8.01
CA PHE B 291 14.19 -5.84 8.76
C PHE B 291 15.31 -6.79 8.27
N SER B 292 16.51 -6.30 8.31
CA SER B 292 17.69 -7.10 7.91
C SER B 292 18.88 -6.48 8.65
N GLY B 293 20.00 -7.23 8.69
CA GLY B 293 21.15 -6.65 9.41
C GLY B 293 22.41 -7.50 9.19
N GLY B 294 23.51 -6.79 9.08
CA GLY B 294 24.83 -7.48 9.00
C GLY B 294 25.32 -7.58 10.46
N GLN B 295 26.64 -7.65 10.62
CA GLN B 295 27.17 -7.76 11.98
C GLN B 295 26.80 -6.55 12.82
N HIS B 296 27.02 -5.34 12.28
CA HIS B 296 26.94 -4.13 13.04
C HIS B 296 26.02 -3.06 12.48
N HIS B 297 25.17 -3.43 11.55
CA HIS B 297 24.23 -2.44 11.00
C HIS B 297 22.90 -3.14 10.70
N THR B 298 21.86 -2.33 10.61
CA THR B 298 20.52 -2.80 10.30
C THR B 298 19.97 -1.95 9.14
N VAL B 299 19.24 -2.58 8.25
CA VAL B 299 18.49 -1.87 7.21
C VAL B 299 17.04 -2.38 7.29
N CYS B 300 16.10 -1.47 7.47
CA CYS B 300 14.71 -1.89 7.60
C CYS B 300 13.83 -1.05 6.69
N MET B 301 12.54 -1.42 6.62
CA MET B 301 11.69 -0.65 5.67
C MET B 301 10.26 -0.59 6.21
N ASP B 302 9.58 0.49 5.85
CA ASP B 302 8.21 0.66 6.34
C ASP B 302 7.22 0.28 5.24
N SER B 303 5.95 0.54 5.49
CA SER B 303 4.90 0.21 4.56
C SER B 303 4.65 1.31 3.53
N GLU B 304 5.46 2.36 3.55
CA GLU B 304 5.31 3.44 2.56
C GLU B 304 6.47 3.54 1.61
N GLY B 305 7.14 2.42 1.31
CA GLY B 305 8.19 2.40 0.30
C GLY B 305 9.48 3.07 0.71
N LYS B 306 9.74 3.16 2.00
CA LYS B 306 10.96 3.82 2.50
C LYS B 306 11.84 2.84 3.26
N ALA B 307 13.14 2.95 3.05
CA ALA B 307 14.10 2.13 3.77
C ALA B 307 14.94 3.01 4.71
N TYR B 308 15.29 2.43 5.85
CA TYR B 308 16.04 3.16 6.88
C TYR B 308 17.22 2.30 7.34
N SER B 309 18.25 2.96 7.90
CA SER B 309 19.37 2.22 8.45
C SER B 309 19.73 2.70 9.85
N LEU B 310 20.41 1.82 10.57
CA LEU B 310 20.96 2.21 11.87
C LEU B 310 22.15 1.31 12.20
N GLY B 311 23.01 1.83 13.10
CA GLY B 311 24.20 1.09 13.47
C GLY B 311 25.48 1.78 13.03
N ARG B 312 26.50 0.97 12.82
CA ARG B 312 27.85 1.40 12.49
C ARG B 312 27.95 2.01 11.08
N ALA B 313 28.61 3.15 10.98
CA ALA B 313 28.72 3.91 9.76
C ALA B 313 29.90 3.51 8.89
N GLU B 314 30.92 2.91 9.48
CA GLU B 314 32.18 2.66 8.79
C GLU B 314 32.02 1.95 7.48
N TYR B 315 32.73 2.39 6.43
CA TYR B 315 32.74 1.88 5.11
C TYR B 315 31.43 2.07 4.33
N GLY B 316 30.56 2.96 4.78
CA GLY B 316 29.38 3.32 4.02
C GLY B 316 28.19 2.43 4.20
N ARG B 317 28.20 1.50 5.16
CA ARG B 317 27.13 0.51 5.24
C ARG B 317 25.76 1.05 5.59
N LEU B 318 25.63 2.27 6.07
CA LEU B 318 24.32 2.85 6.37
C LEU B 318 23.67 3.44 5.12
N GLY B 319 24.49 3.75 4.11
CA GLY B 319 23.93 4.26 2.84
C GLY B 319 23.37 5.65 2.99
N LEU B 320 23.89 6.43 3.93
CA LEU B 320 23.42 7.77 4.22
C LEU B 320 24.28 8.87 3.66
N GLY B 321 25.23 8.57 2.78
CA GLY B 321 26.11 9.57 2.21
C GLY B 321 27.47 9.62 2.90
N GLU B 322 28.44 10.30 2.28
CA GLU B 322 29.77 10.44 2.82
C GLU B 322 29.76 11.15 4.17
N GLY B 323 30.67 10.76 5.06
CA GLY B 323 30.75 11.40 6.37
C GLY B 323 29.62 11.03 7.29
N ALA B 324 28.82 10.01 6.96
CA ALA B 324 27.74 9.55 7.82
C ALA B 324 28.33 9.03 9.15
N GLU B 325 27.59 9.25 10.22
CA GLU B 325 28.01 8.84 11.55
C GLU B 325 27.02 7.84 12.16
N GLU B 326 27.49 7.12 13.17
CA GLU B 326 26.71 6.07 13.82
C GLU B 326 25.31 6.52 14.18
N LYS B 327 24.32 5.69 13.85
CA LYS B 327 22.93 6.03 14.15
C LYS B 327 22.33 5.07 15.15
N SER B 328 21.51 5.60 16.07
CA SER B 328 20.85 4.74 17.07
C SER B 328 19.34 4.72 16.90
N ILE B 329 18.82 5.35 15.87
CA ILE B 329 17.40 5.32 15.52
C ILE B 329 17.32 5.09 13.99
N PRO B 330 16.24 4.48 13.53
CA PRO B 330 16.08 4.21 12.10
C PRO B 330 16.14 5.52 11.33
N THR B 331 17.12 5.60 10.41
CA THR B 331 17.40 6.86 9.70
C THR B 331 17.13 6.72 8.22
N LEU B 332 16.25 7.56 7.70
CA LEU B 332 15.78 7.40 6.32
C LEU B 332 16.89 7.44 5.31
N ILE B 333 16.89 6.47 4.39
CA ILE B 333 17.84 6.45 3.28
C ILE B 333 17.12 7.10 2.07
N SER B 334 17.22 8.42 1.99
CA SER B 334 16.36 9.20 1.11
C SER B 334 16.66 8.99 -0.36
N ARG B 335 17.89 8.60 -0.68
CA ARG B 335 18.36 8.53 -2.06
C ARG B 335 17.79 7.39 -2.86
N LEU B 336 16.92 6.56 -2.36
CA LEU B 336 16.38 5.43 -3.11
C LEU B 336 15.02 5.75 -3.74
N PRO B 337 14.71 5.13 -4.87
CA PRO B 337 13.34 5.06 -5.36
C PRO B 337 12.46 4.33 -4.36
N ALA B 338 11.16 4.22 -4.64
CA ALA B 338 10.26 3.52 -3.73
C ALA B 338 10.74 2.08 -3.52
N VAL B 339 10.72 1.62 -2.28
CA VAL B 339 11.35 0.34 -1.93
C VAL B 339 10.37 -0.79 -1.72
N SER B 340 10.72 -1.99 -2.18
CA SER B 340 9.89 -3.16 -1.97
C SER B 340 10.49 -4.16 -0.99
N SER B 341 11.82 -4.31 -0.99
CA SER B 341 12.46 -5.18 0.01
C SER B 341 13.89 -4.70 0.30
N VAL B 342 14.41 -5.13 1.45
CA VAL B 342 15.77 -4.74 1.84
C VAL B 342 16.54 -5.97 2.30
N ALA B 343 17.88 -5.86 2.27
CA ALA B 343 18.69 -6.99 2.78
C ALA B 343 20.05 -6.45 3.20
N CYS B 344 20.74 -7.22 4.04
CA CYS B 344 22.11 -6.89 4.40
C CYS B 344 23.04 -8.10 4.19
N GLY B 345 24.28 -7.77 3.88
CA GLY B 345 25.38 -8.75 3.94
C GLY B 345 26.19 -8.37 5.20
N ALA B 346 27.35 -8.98 5.39
CA ALA B 346 28.10 -8.73 6.64
C ALA B 346 28.35 -7.25 6.85
N SER B 347 28.77 -6.54 5.80
CA SER B 347 29.08 -5.12 5.90
C SER B 347 28.49 -4.33 4.74
N VAL B 348 27.46 -4.85 4.10
CA VAL B 348 26.86 -4.21 2.94
C VAL B 348 25.33 -4.15 3.14
N GLY B 349 24.69 -3.23 2.44
CA GLY B 349 23.22 -3.12 2.50
C GLY B 349 22.64 -2.99 1.09
N TYR B 350 21.38 -3.41 0.92
CA TYR B 350 20.74 -3.42 -0.40
C TYR B 350 19.25 -3.02 -0.26
N ALA B 351 18.71 -2.47 -1.34
CA ALA B 351 17.28 -2.29 -1.47
C ALA B 351 16.85 -2.65 -2.90
N VAL B 352 15.82 -3.46 -2.98
CA VAL B 352 15.14 -3.76 -4.23
C VAL B 352 13.94 -2.81 -4.36
N THR B 353 13.85 -2.16 -5.52
CA THR B 353 12.81 -1.11 -5.64
C THR B 353 11.52 -1.72 -6.17
N LYS B 354 10.42 -0.97 -6.02
CA LYS B 354 9.12 -1.43 -6.51
C LYS B 354 9.14 -1.53 -8.04
N ASP B 355 9.96 -0.76 -8.72
CA ASP B 355 10.08 -0.93 -10.18
C ASP B 355 11.09 -1.96 -10.65
N GLY B 356 11.67 -2.75 -9.75
CA GLY B 356 12.46 -3.91 -10.10
C GLY B 356 13.94 -3.66 -10.27
N ARG B 357 14.47 -2.63 -9.64
CA ARG B 357 15.92 -2.38 -9.67
C ARG B 357 16.54 -2.78 -8.33
N VAL B 358 17.86 -2.82 -8.27
CA VAL B 358 18.51 -3.12 -6.99
C VAL B 358 19.68 -2.17 -6.76
N PHE B 359 19.73 -1.64 -5.56
CA PHE B 359 20.74 -0.67 -5.15
C PHE B 359 21.59 -1.29 -4.03
N ALA B 360 22.87 -0.97 -4.04
CA ALA B 360 23.79 -1.57 -3.07
C ALA B 360 24.65 -0.47 -2.45
N TRP B 361 25.15 -0.71 -1.26
CA TRP B 361 26.04 0.25 -0.61
C TRP B 361 26.83 -0.46 0.49
N GLY B 362 27.92 0.16 0.93
CA GLY B 362 28.72 -0.40 2.00
C GLY B 362 30.12 -0.82 1.52
N MET B 363 30.68 -1.78 2.27
CA MET B 363 32.08 -2.18 2.04
C MET B 363 32.26 -2.86 0.70
N GLY B 364 33.17 -2.35 -0.14
CA GLY B 364 33.33 -2.87 -1.48
C GLY B 364 34.27 -3.99 -1.67
N THR B 365 35.10 -4.35 -0.70
CA THR B 365 36.24 -5.20 -0.84
C THR B 365 35.99 -6.53 -1.51
N ASN B 366 34.90 -7.21 -1.22
CA ASN B 366 34.59 -8.51 -1.73
C ASN B 366 33.89 -8.53 -3.07
N TYR B 367 33.74 -7.37 -3.70
CA TYR B 367 33.01 -7.19 -4.93
C TYR B 367 31.54 -7.52 -4.83
N GLN B 368 30.94 -7.28 -3.66
CA GLN B 368 29.52 -7.55 -3.45
C GLN B 368 28.63 -6.43 -3.98
N LEU B 369 29.20 -5.26 -4.25
CA LEU B 369 28.38 -4.09 -4.61
C LEU B 369 27.89 -4.15 -6.03
N GLY B 370 28.60 -4.87 -6.89
CA GLY B 370 28.17 -5.02 -8.27
C GLY B 370 28.46 -3.76 -9.09
N THR B 371 29.39 -2.94 -8.60
CA THR B 371 29.85 -1.78 -9.36
C THR B 371 30.91 -2.19 -10.37
N GLY B 372 31.54 -3.34 -10.13
CA GLY B 372 32.66 -3.82 -10.95
C GLY B 372 33.98 -3.45 -10.28
N GLN B 373 33.90 -2.66 -9.22
CA GLN B 373 35.04 -2.18 -8.48
C GLN B 373 34.98 -2.62 -7.02
N ASP B 374 36.09 -2.45 -6.33
CA ASP B 374 36.20 -2.89 -4.94
C ASP B 374 36.23 -1.71 -3.98
N GLU B 375 35.79 -0.54 -4.43
CA GLU B 375 35.72 0.64 -3.59
C GLU B 375 34.42 0.63 -2.76
N ASP B 376 34.49 1.21 -1.58
CA ASP B 376 33.28 1.29 -0.74
C ASP B 376 32.29 2.29 -1.39
N ALA B 377 31.03 2.16 -1.01
CA ALA B 377 30.00 3.10 -1.49
C ALA B 377 29.20 3.62 -0.30
N TRP B 378 29.35 4.92 0.01
CA TRP B 378 28.63 5.49 1.14
C TRP B 378 27.21 5.91 0.77
N SER B 379 26.87 5.95 -0.50
CA SER B 379 25.50 6.19 -0.97
C SER B 379 25.07 5.03 -1.87
N PRO B 380 23.78 4.71 -1.90
CA PRO B 380 23.27 3.64 -2.73
C PRO B 380 23.65 3.79 -4.19
N VAL B 381 24.10 2.73 -4.81
CA VAL B 381 24.48 2.68 -6.21
C VAL B 381 23.70 1.56 -6.91
N GLU B 382 23.03 1.92 -8.00
CA GLU B 382 22.21 0.94 -8.71
C GLU B 382 23.12 -0.10 -9.39
N MET B 383 22.84 -1.36 -9.13
CA MET B 383 23.60 -2.47 -9.72
C MET B 383 23.16 -2.63 -11.18
N MET B 384 24.13 -2.72 -12.06
CA MET B 384 23.86 -2.86 -13.50
C MET B 384 24.68 -4.01 -14.05
N GLY B 385 24.83 -4.04 -15.36
CA GLY B 385 25.61 -5.11 -16.00
C GLY B 385 24.75 -5.93 -16.96
N LYS B 386 25.40 -6.79 -17.73
CA LYS B 386 24.74 -7.56 -18.78
C LYS B 386 23.58 -8.38 -18.29
N GLN B 387 23.76 -9.14 -17.20
CA GLN B 387 22.73 -10.07 -16.76
C GLN B 387 21.56 -9.40 -16.06
N LEU B 388 21.67 -8.09 -15.80
CA LEU B 388 20.54 -7.38 -15.20
C LEU B 388 19.79 -6.58 -16.26
N GLU B 389 20.37 -6.52 -17.46
CA GLU B 389 19.72 -5.84 -18.59
C GLU B 389 18.43 -6.53 -18.98
N ASN B 390 17.37 -5.75 -19.18
CA ASN B 390 16.08 -6.30 -19.60
C ASN B 390 15.59 -7.35 -18.62
N ARG B 391 15.77 -7.08 -17.33
CA ARG B 391 15.31 -7.97 -16.29
C ARG B 391 14.88 -7.15 -15.07
N VAL B 392 13.96 -7.72 -14.31
CA VAL B 392 13.50 -7.06 -13.08
C VAL B 392 14.05 -7.90 -11.90
N VAL B 393 14.56 -7.23 -10.89
CA VAL B 393 15.02 -7.98 -9.70
C VAL B 393 13.85 -8.31 -8.78
N LEU B 394 13.78 -9.56 -8.32
CA LEU B 394 12.75 -10.03 -7.42
C LEU B 394 13.23 -10.03 -5.97
N SER B 395 14.52 -10.35 -5.78
CA SER B 395 15.09 -10.30 -4.43
C SER B 395 16.61 -10.16 -4.47
N VAL B 396 17.15 -9.80 -3.30
CA VAL B 396 18.60 -9.75 -3.10
C VAL B 396 18.90 -10.27 -1.69
N SER B 397 19.92 -11.07 -1.59
CA SER B 397 20.36 -11.61 -0.27
C SER B 397 21.88 -11.55 -0.26
N SER B 398 22.51 -11.47 0.90
CA SER B 398 23.98 -11.31 0.90
C SER B 398 24.58 -11.96 2.14
N GLY B 399 25.79 -12.51 1.95
CA GLY B 399 26.43 -13.22 3.07
C GLY B 399 27.73 -12.50 3.46
N GLY B 400 28.74 -13.33 3.75
CA GLY B 400 30.02 -12.79 4.21
C GLY B 400 30.78 -12.08 3.11
N GLN B 401 30.94 -12.75 1.95
CA GLN B 401 31.70 -12.23 0.85
C GLN B 401 31.02 -12.38 -0.51
N HIS B 402 29.79 -12.82 -0.55
CA HIS B 402 29.06 -12.91 -1.81
C HIS B 402 27.64 -12.41 -1.69
N THR B 403 26.99 -12.26 -2.85
CA THR B 403 25.62 -11.76 -2.94
C THR B 403 24.85 -12.55 -4.00
N VAL B 404 23.59 -12.84 -3.67
CA VAL B 404 22.74 -13.68 -4.52
C VAL B 404 21.49 -12.92 -4.93
N LEU B 405 21.24 -12.77 -6.23
CA LEU B 405 20.04 -12.08 -6.70
C LEU B 405 19.05 -13.09 -7.30
N LEU B 406 17.77 -12.75 -7.22
CA LEU B 406 16.75 -13.52 -7.99
C LEU B 406 16.11 -12.54 -9.00
N VAL B 407 16.13 -12.92 -10.27
CA VAL B 407 15.67 -11.99 -11.32
C VAL B 407 14.67 -12.67 -12.25
N LYS B 408 13.96 -11.84 -13.01
CA LYS B 408 13.01 -12.41 -14.02
C LYS B 408 13.20 -11.62 -15.31
N ASP B 409 13.11 -12.28 -16.46
CA ASP B 409 13.26 -11.51 -17.73
C ASP B 409 12.21 -10.42 -17.73
N LYS B 410 12.59 -9.17 -17.98
CA LYS B 410 11.71 -8.04 -17.80
C LYS B 410 10.54 -7.85 -18.79
N GLU B 411 9.76 -8.87 -18.87
CA GLU B 411 8.55 -8.96 -19.70
C GLU B 411 8.29 -7.94 -20.70
N GLN B 412 8.18 -8.66 -21.71
CA GLN B 412 7.81 -8.20 -22.87
C GLN B 412 6.81 -9.14 -23.55
N SER B 413 5.54 -8.86 -23.33
CA SER B 413 4.44 -9.68 -23.81
C SER B 413 4.89 -10.87 -24.64
N LYS C 13 -27.65 18.91 -15.54
CA LYS C 13 -28.08 17.48 -15.50
C LYS C 13 -27.40 16.71 -14.37
N LYS C 14 -27.92 15.53 -14.07
CA LYS C 14 -27.40 14.65 -13.06
C LYS C 14 -25.89 14.67 -12.94
N VAL C 15 -25.41 14.82 -11.71
CA VAL C 15 -23.98 14.71 -11.41
C VAL C 15 -23.64 13.28 -11.00
N LYS C 16 -22.61 12.70 -11.59
CA LYS C 16 -22.23 11.33 -11.30
C LYS C 16 -21.44 11.24 -10.00
N VAL C 17 -21.58 10.08 -9.34
CA VAL C 17 -20.79 9.80 -8.15
C VAL C 17 -19.78 8.68 -8.44
N SER C 18 -18.84 8.52 -7.54
CA SER C 18 -17.95 7.36 -7.54
C SER C 18 -17.54 7.07 -6.10
N HIS C 19 -16.78 5.99 -5.92
CA HIS C 19 -16.32 5.62 -4.58
C HIS C 19 -15.17 4.64 -4.72
N ARG C 20 -14.32 4.57 -3.72
CA ARG C 20 -13.17 3.68 -3.77
C ARG C 20 -13.57 2.22 -3.69
N SER C 21 -14.78 1.93 -3.21
CA SER C 21 -15.28 0.58 -3.10
C SER C 21 -15.84 0.05 -4.41
N HIS C 22 -16.09 0.92 -5.38
CA HIS C 22 -16.60 0.49 -6.68
C HIS C 22 -15.55 -0.32 -7.44
N SER C 23 -15.95 -1.40 -8.10
CA SER C 23 -15.05 -2.21 -8.89
C SER C 23 -15.11 -1.86 -10.38
N THR C 24 -13.93 -1.93 -11.07
CA THR C 24 -13.89 -1.50 -12.45
C THR C 24 -13.04 -2.44 -13.32
N GLU C 25 -12.51 -3.51 -12.75
CA GLU C 25 -11.68 -4.43 -13.54
C GLU C 25 -12.50 -5.58 -14.11
N PRO C 26 -12.51 -5.68 -15.44
CA PRO C 26 -13.33 -6.67 -16.12
C PRO C 26 -12.80 -8.08 -15.98
N GLY C 27 -13.70 -9.04 -15.80
CA GLY C 27 -13.30 -10.44 -15.73
C GLY C 27 -14.47 -11.37 -16.06
N LEU C 28 -14.23 -12.63 -15.77
CA LEU C 28 -15.14 -13.73 -15.95
C LEU C 28 -15.66 -14.24 -14.60
N VAL C 29 -16.89 -14.76 -14.63
CA VAL C 29 -17.49 -15.24 -13.39
C VAL C 29 -17.43 -16.77 -13.33
N LEU C 30 -17.00 -17.28 -12.18
CA LEU C 30 -17.00 -18.74 -11.95
C LEU C 30 -17.83 -18.99 -10.69
N THR C 31 -18.53 -20.12 -10.63
CA THR C 31 -19.32 -20.46 -9.46
C THR C 31 -19.04 -21.92 -9.04
N LEU C 32 -19.35 -22.21 -7.80
CA LEU C 32 -19.20 -23.56 -7.24
C LEU C 32 -20.11 -23.71 -6.03
N GLY C 33 -20.36 -24.94 -5.58
CA GLY C 33 -21.25 -25.19 -4.47
C GLY C 33 -22.57 -25.79 -4.93
N GLN C 34 -23.64 -25.51 -4.22
CA GLN C 34 -24.96 -26.03 -4.57
C GLN C 34 -25.66 -25.14 -5.59
N GLY C 35 -26.48 -25.76 -6.44
CA GLY C 35 -27.12 -25.04 -7.54
C GLY C 35 -28.55 -25.52 -7.77
N ASP C 36 -29.18 -26.01 -6.71
CA ASP C 36 -30.54 -26.52 -6.81
C ASP C 36 -31.52 -25.50 -7.38
N VAL C 37 -31.41 -24.25 -6.97
CA VAL C 37 -32.37 -23.23 -7.36
C VAL C 37 -31.80 -22.25 -8.37
N GLY C 38 -30.74 -22.60 -9.08
CA GLY C 38 -30.19 -21.79 -10.13
C GLY C 38 -29.10 -20.83 -9.73
N GLN C 39 -28.63 -20.87 -8.47
CA GLN C 39 -27.62 -19.92 -8.02
C GLN C 39 -26.26 -20.10 -8.64
N LEU C 40 -25.96 -21.21 -9.29
CA LEU C 40 -24.71 -21.40 -9.99
C LEU C 40 -24.74 -20.80 -11.39
N GLY C 41 -25.93 -20.64 -11.95
CA GLY C 41 -26.11 -20.05 -13.27
C GLY C 41 -25.59 -20.90 -14.40
N LEU C 42 -25.57 -22.23 -14.24
CA LEU C 42 -25.04 -23.16 -15.18
C LEU C 42 -26.10 -24.04 -15.83
N GLY C 43 -27.37 -23.67 -15.70
CA GLY C 43 -28.44 -24.42 -16.36
C GLY C 43 -29.27 -25.27 -15.43
N GLU C 44 -30.32 -25.90 -15.99
CA GLU C 44 -31.21 -26.74 -15.25
C GLU C 44 -30.59 -28.08 -14.86
N ASN C 45 -29.54 -28.51 -15.54
CA ASN C 45 -28.92 -29.80 -15.30
C ASN C 45 -27.75 -29.75 -14.33
N VAL C 46 -27.24 -28.58 -14.01
CA VAL C 46 -26.07 -28.50 -13.12
C VAL C 46 -26.48 -28.06 -11.73
N MET C 47 -26.61 -29.04 -10.82
CA MET C 47 -27.12 -28.83 -9.49
C MET C 47 -26.03 -28.68 -8.43
N GLU C 48 -24.81 -28.99 -8.80
CA GLU C 48 -23.68 -28.93 -7.86
C GLU C 48 -22.37 -28.85 -8.63
N ARG C 49 -21.43 -28.05 -8.11
CA ARG C 49 -20.09 -28.00 -8.70
C ARG C 49 -19.06 -28.00 -7.57
N LYS C 50 -18.15 -28.97 -7.61
CA LYS C 50 -17.18 -29.12 -6.53
C LYS C 50 -15.96 -28.23 -6.75
N LYS C 51 -15.74 -27.84 -7.99
CA LYS C 51 -14.68 -26.91 -8.37
C LYS C 51 -15.34 -25.77 -9.18
N PRO C 52 -14.72 -24.60 -9.18
CA PRO C 52 -15.24 -23.46 -9.91
C PRO C 52 -15.61 -23.80 -11.34
N ALA C 53 -16.74 -23.28 -11.83
CA ALA C 53 -17.14 -23.49 -13.22
C ALA C 53 -17.53 -22.16 -13.88
N LEU C 54 -17.18 -22.01 -15.15
CA LEU C 54 -17.42 -20.79 -15.90
C LEU C 54 -18.90 -20.53 -16.14
N VAL C 55 -19.35 -19.32 -15.85
CA VAL C 55 -20.75 -18.92 -16.13
C VAL C 55 -20.79 -18.09 -17.40
N SER C 56 -21.69 -18.40 -18.35
CA SER C 56 -21.76 -17.69 -19.60
C SER C 56 -22.49 -16.36 -19.47
N ILE C 57 -21.77 -15.30 -19.19
CA ILE C 57 -22.42 -13.94 -19.21
C ILE C 57 -21.99 -13.24 -20.47
N PRO C 58 -22.91 -12.56 -21.16
CA PRO C 58 -22.63 -12.00 -22.46
C PRO C 58 -21.73 -10.79 -22.48
N GLU C 59 -21.25 -10.37 -21.31
CA GLU C 59 -20.38 -9.21 -21.19
C GLU C 59 -19.32 -9.49 -20.10
N ASP C 60 -18.26 -8.71 -20.12
CA ASP C 60 -17.28 -8.77 -19.01
C ASP C 60 -18.00 -8.26 -17.74
N VAL C 61 -17.58 -8.79 -16.59
CA VAL C 61 -18.23 -8.43 -15.33
C VAL C 61 -17.21 -7.76 -14.41
N VAL C 62 -17.58 -6.69 -13.73
CA VAL C 62 -16.71 -5.99 -12.80
C VAL C 62 -17.03 -6.29 -11.35
N GLN C 63 -18.21 -6.78 -11.02
CA GLN C 63 -18.54 -7.12 -9.63
C GLN C 63 -19.50 -8.30 -9.62
N ALA C 64 -19.23 -9.27 -8.74
CA ALA C 64 -20.11 -10.45 -8.68
C ALA C 64 -20.38 -10.82 -7.22
N GLU C 65 -21.65 -10.76 -6.85
CA GLU C 65 -22.09 -10.91 -5.48
C GLU C 65 -23.00 -12.12 -5.30
N ALA C 66 -22.77 -12.85 -4.21
CA ALA C 66 -23.60 -13.99 -3.88
C ALA C 66 -24.64 -13.61 -2.83
N GLY C 67 -25.92 -13.78 -3.18
CA GLY C 67 -26.97 -13.61 -2.15
C GLY C 67 -27.19 -14.97 -1.47
N GLY C 68 -28.22 -15.05 -0.67
CA GLY C 68 -28.53 -16.31 0.02
C GLY C 68 -28.56 -17.46 -0.99
N MET C 69 -29.49 -17.38 -1.95
CA MET C 69 -29.69 -18.43 -2.94
C MET C 69 -29.79 -17.84 -4.36
N HIS C 70 -28.98 -16.81 -4.61
CA HIS C 70 -28.97 -16.17 -5.93
C HIS C 70 -27.63 -15.44 -6.11
N THR C 71 -27.38 -15.01 -7.31
CA THR C 71 -26.11 -14.38 -7.69
C THR C 71 -26.42 -13.15 -8.56
N VAL C 72 -25.71 -12.06 -8.28
CA VAL C 72 -25.92 -10.80 -9.03
C VAL C 72 -24.59 -10.35 -9.63
N CYS C 73 -24.54 -10.15 -10.94
CA CYS C 73 -23.29 -9.77 -11.60
C CYS C 73 -23.48 -8.41 -12.29
N LEU C 74 -22.52 -7.53 -12.06
CA LEU C 74 -22.56 -6.21 -12.69
C LEU C 74 -21.59 -6.20 -13.88
N SER C 75 -22.12 -5.82 -15.05
CA SER C 75 -21.23 -5.74 -16.22
C SER C 75 -20.48 -4.42 -16.24
N LYS C 76 -19.42 -4.40 -17.04
CA LYS C 76 -18.54 -3.25 -17.24
C LYS C 76 -19.34 -2.08 -17.84
N SER C 77 -20.39 -2.41 -18.58
CA SER C 77 -21.25 -1.44 -19.21
C SER C 77 -22.36 -0.92 -18.31
N GLY C 78 -22.52 -1.50 -17.13
CA GLY C 78 -23.42 -0.96 -16.13
C GLY C 78 -24.74 -1.74 -16.10
N GLN C 79 -24.75 -2.88 -16.81
CA GLN C 79 -25.92 -3.74 -16.83
C GLN C 79 -25.81 -4.81 -15.75
N VAL C 80 -26.95 -5.10 -15.11
CA VAL C 80 -26.97 -6.12 -14.05
C VAL C 80 -27.52 -7.45 -14.57
N TYR C 81 -26.84 -8.55 -14.25
CA TYR C 81 -27.30 -9.88 -14.57
C TYR C 81 -27.54 -10.67 -13.28
N SER C 82 -28.55 -11.56 -13.32
CA SER C 82 -28.92 -12.28 -12.11
C SER C 82 -29.30 -13.72 -12.43
N PHE C 83 -29.13 -14.61 -11.46
CA PHE C 83 -29.53 -16.00 -11.61
C PHE C 83 -29.74 -16.61 -10.22
N GLY C 84 -30.73 -17.51 -10.08
CA GLY C 84 -31.00 -18.10 -8.76
C GLY C 84 -32.49 -18.08 -8.43
N CYS C 85 -32.79 -18.16 -7.15
CA CYS C 85 -34.20 -18.24 -6.72
C CYS C 85 -34.89 -16.90 -6.95
N ASN C 86 -36.06 -16.94 -7.60
CA ASN C 86 -36.81 -15.72 -7.87
C ASN C 86 -38.19 -15.77 -7.23
N ASP C 87 -38.34 -16.66 -6.23
CA ASP C 87 -39.57 -16.77 -5.48
C ASP C 87 -39.95 -15.46 -4.81
N GLU C 88 -38.97 -14.74 -4.27
CA GLU C 88 -39.17 -13.51 -3.58
C GLU C 88 -38.93 -12.28 -4.46
N GLY C 89 -38.49 -12.51 -5.70
CA GLY C 89 -38.24 -11.39 -6.60
C GLY C 89 -36.78 -10.96 -6.64
N ALA C 90 -35.90 -11.75 -6.02
CA ALA C 90 -34.50 -11.36 -5.90
C ALA C 90 -33.80 -11.19 -7.21
N LEU C 91 -34.24 -11.85 -8.28
CA LEU C 91 -33.57 -11.77 -9.57
C LEU C 91 -33.86 -10.46 -10.31
N GLY C 92 -34.96 -9.81 -9.98
CA GLY C 92 -35.31 -8.53 -10.57
C GLY C 92 -35.61 -8.62 -12.05
N ARG C 93 -36.14 -9.75 -12.49
CA ARG C 93 -36.43 -10.01 -13.88
C ARG C 93 -37.49 -11.10 -14.07
N ASP C 94 -38.03 -11.17 -15.27
CA ASP C 94 -39.14 -12.11 -15.54
C ASP C 94 -38.60 -13.49 -15.86
N THR C 95 -38.91 -14.48 -15.02
CA THR C 95 -38.44 -15.84 -15.25
C THR C 95 -39.58 -16.78 -15.63
N SER C 96 -40.51 -16.27 -16.43
CA SER C 96 -41.60 -17.10 -16.94
C SER C 96 -41.03 -18.29 -17.71
N VAL C 97 -40.06 -17.98 -18.59
CA VAL C 97 -39.45 -19.07 -19.38
C VAL C 97 -38.87 -20.12 -18.46
N GLU C 98 -39.28 -21.35 -18.65
CA GLU C 98 -38.82 -22.49 -17.86
C GLU C 98 -37.31 -22.64 -17.90
N GLY C 99 -36.68 -22.60 -16.72
CA GLY C 99 -35.24 -22.74 -16.63
C GLY C 99 -34.50 -21.43 -16.83
N SER C 100 -35.21 -20.33 -17.01
CA SER C 100 -34.57 -19.05 -17.26
C SER C 100 -33.94 -18.46 -16.01
N GLU C 101 -34.31 -18.99 -14.83
CA GLU C 101 -33.73 -18.49 -13.59
C GLU C 101 -32.39 -19.18 -13.30
N MET C 102 -32.09 -20.22 -14.05
CA MET C 102 -30.93 -21.06 -13.81
C MET C 102 -29.74 -20.67 -14.68
N VAL C 103 -29.93 -19.71 -15.57
CA VAL C 103 -28.85 -19.15 -16.40
C VAL C 103 -28.94 -17.62 -16.25
N PRO C 104 -27.88 -16.91 -16.55
CA PRO C 104 -27.89 -15.45 -16.44
C PRO C 104 -29.02 -14.85 -17.28
N GLY C 105 -29.63 -13.82 -16.75
CA GLY C 105 -30.57 -12.99 -17.49
C GLY C 105 -30.40 -11.53 -17.07
N LYS C 106 -30.76 -10.63 -17.96
CA LYS C 106 -30.65 -9.20 -17.69
C LYS C 106 -31.67 -8.72 -16.68
N VAL C 107 -31.20 -8.04 -15.63
CA VAL C 107 -32.11 -7.40 -14.68
C VAL C 107 -32.77 -6.22 -15.40
N GLU C 108 -34.07 -6.07 -15.11
CA GLU C 108 -34.89 -5.05 -15.75
C GLU C 108 -34.74 -3.72 -15.05
N LEU C 109 -33.62 -3.05 -15.40
CA LEU C 109 -33.24 -1.78 -14.80
C LEU C 109 -32.54 -0.90 -15.83
N GLN C 110 -33.18 0.18 -16.24
CA GLN C 110 -32.63 1.09 -17.23
C GLN C 110 -31.79 2.18 -16.56
N GLU C 111 -30.63 1.82 -16.04
CA GLU C 111 -29.61 2.58 -15.43
C GLU C 111 -28.18 2.06 -15.72
N LYS C 112 -27.22 2.96 -15.61
CA LYS C 112 -25.82 2.55 -15.64
C LYS C 112 -25.44 2.32 -14.15
N VAL C 113 -25.45 1.04 -13.79
CA VAL C 113 -25.18 0.72 -12.36
C VAL C 113 -23.69 0.66 -12.13
N VAL C 114 -23.25 1.07 -10.92
CA VAL C 114 -21.82 1.09 -10.62
C VAL C 114 -21.47 0.23 -9.40
N GLN C 115 -22.47 -0.30 -8.72
CA GLN C 115 -22.21 -1.18 -7.57
C GLN C 115 -23.50 -1.97 -7.25
N VAL C 116 -23.33 -3.21 -6.81
CA VAL C 116 -24.50 -4.01 -6.39
C VAL C 116 -24.25 -4.59 -5.00
N SER C 117 -25.32 -5.05 -4.37
CA SER C 117 -25.23 -5.84 -3.14
C SER C 117 -26.38 -6.83 -3.09
N ALA C 118 -26.22 -7.90 -2.34
CA ALA C 118 -27.25 -8.94 -2.31
C ALA C 118 -27.39 -9.49 -0.89
N GLY C 119 -28.61 -9.79 -0.51
CA GLY C 119 -28.92 -10.40 0.77
C GLY C 119 -29.56 -11.79 0.57
N ASP C 120 -30.30 -12.20 1.58
CA ASP C 120 -30.95 -13.51 1.57
C ASP C 120 -32.02 -13.61 0.50
N SER C 121 -32.84 -12.56 0.38
CA SER C 121 -33.89 -12.54 -0.63
C SER C 121 -34.01 -11.20 -1.32
N HIS C 122 -32.97 -10.37 -1.24
CA HIS C 122 -33.07 -9.03 -1.89
C HIS C 122 -31.79 -8.75 -2.69
N THR C 123 -31.89 -7.76 -3.56
CA THR C 123 -30.72 -7.27 -4.31
C THR C 123 -30.80 -5.74 -4.37
N ALA C 124 -29.64 -5.06 -4.27
CA ALA C 124 -29.59 -3.63 -4.40
C ALA C 124 -28.61 -3.21 -5.51
N ALA C 125 -28.89 -2.05 -6.08
CA ALA C 125 -28.02 -1.53 -7.15
C ALA C 125 -27.90 -0.01 -6.98
N LEU C 126 -26.68 0.49 -7.16
CA LEU C 126 -26.40 1.90 -7.07
C LEU C 126 -26.12 2.51 -8.45
N THR C 127 -26.90 3.51 -8.84
CA THR C 127 -26.72 4.14 -10.14
C THR C 127 -25.49 5.03 -10.17
N ASP C 128 -25.05 5.42 -11.37
CA ASP C 128 -23.89 6.28 -11.52
C ASP C 128 -24.10 7.70 -11.01
N ASP C 129 -25.33 8.13 -10.77
CA ASP C 129 -25.63 9.41 -10.18
C ASP C 129 -26.07 9.32 -8.73
N GLY C 130 -25.94 8.14 -8.11
CA GLY C 130 -26.09 7.99 -6.70
C GLY C 130 -27.49 7.66 -6.21
N ARG C 131 -28.31 7.10 -7.07
CA ARG C 131 -29.64 6.63 -6.68
C ARG C 131 -29.59 5.14 -6.43
N VAL C 132 -30.36 4.65 -5.46
CA VAL C 132 -30.39 3.25 -5.11
C VAL C 132 -31.68 2.56 -5.58
N PHE C 133 -31.53 1.43 -6.24
CA PHE C 133 -32.66 0.56 -6.56
C PHE C 133 -32.59 -0.70 -5.72
N LEU C 134 -33.76 -1.25 -5.41
CA LEU C 134 -33.82 -2.43 -4.52
C LEU C 134 -34.91 -3.36 -5.03
N TRP C 135 -34.68 -4.66 -4.96
CA TRP C 135 -35.72 -5.62 -5.37
C TRP C 135 -35.69 -6.86 -4.48
N GLY C 136 -36.83 -7.55 -4.42
CA GLY C 136 -36.93 -8.78 -3.63
C GLY C 136 -37.75 -8.56 -2.38
N SER C 137 -37.33 -9.16 -1.25
CA SER C 137 -37.96 -8.82 0.02
C SER C 137 -36.98 -8.98 1.18
N PHE C 138 -37.38 -8.46 2.32
CA PHE C 138 -36.72 -8.68 3.59
C PHE C 138 -37.60 -9.61 4.45
N ARG C 139 -36.95 -10.44 5.24
CA ARG C 139 -37.69 -11.29 6.17
C ARG C 139 -37.14 -11.09 7.59
N ASP C 140 -38.00 -11.34 8.58
CA ASP C 140 -37.54 -11.41 9.97
C ASP C 140 -37.62 -12.88 10.41
N ASN C 141 -37.50 -13.16 11.69
CA ASN C 141 -37.53 -14.54 12.16
C ASN C 141 -38.82 -15.19 11.66
N ASN C 142 -39.92 -14.45 11.73
CA ASN C 142 -41.31 -14.71 11.72
C ASN C 142 -41.69 -14.78 10.28
N GLY C 143 -41.12 -13.98 9.37
CA GLY C 143 -41.41 -14.10 7.95
C GLY C 143 -41.19 -12.81 7.17
N VAL C 144 -41.58 -12.85 5.89
CA VAL C 144 -41.45 -11.74 4.96
C VAL C 144 -42.10 -10.46 5.46
N ILE C 145 -41.37 -9.37 5.53
CA ILE C 145 -41.85 -8.11 6.05
C ILE C 145 -42.10 -7.06 4.95
N GLY C 146 -41.70 -7.37 3.73
CA GLY C 146 -41.84 -6.40 2.63
C GLY C 146 -40.44 -5.94 2.19
N LEU C 147 -40.39 -4.77 1.58
CA LEU C 147 -39.13 -4.27 1.04
C LEU C 147 -38.99 -2.78 1.31
N LEU C 148 -39.66 -1.95 0.49
CA LEU C 148 -39.67 -0.51 0.73
C LEU C 148 -40.96 -0.07 1.40
N GLU C 149 -41.99 -0.92 1.24
CA GLU C 149 -43.29 -0.64 1.89
C GLU C 149 -43.67 -1.88 2.74
N PRO C 150 -44.39 -1.64 3.81
CA PRO C 150 -44.83 -2.71 4.69
C PRO C 150 -45.61 -3.78 3.98
N MET C 151 -45.19 -5.02 4.07
CA MET C 151 -45.84 -6.26 3.64
C MET C 151 -45.85 -6.35 2.11
N LYS C 152 -45.07 -5.59 1.38
CA LYS C 152 -45.02 -5.68 -0.06
C LYS C 152 -43.61 -5.96 -0.56
N LYS C 153 -43.43 -7.12 -1.15
CA LYS C 153 -42.15 -7.41 -1.84
C LYS C 153 -42.21 -6.70 -3.20
N SER C 154 -41.11 -6.72 -3.93
CA SER C 154 -41.12 -6.19 -5.29
C SER C 154 -40.36 -7.12 -6.21
N MET C 155 -41.03 -7.63 -7.25
CA MET C 155 -40.39 -8.45 -8.25
C MET C 155 -39.52 -7.62 -9.20
N VAL C 156 -39.70 -6.31 -9.19
CA VAL C 156 -38.96 -5.42 -10.06
C VAL C 156 -38.16 -4.39 -9.29
N PRO C 157 -37.05 -3.94 -9.88
CA PRO C 157 -36.21 -2.93 -9.26
C PRO C 157 -37.01 -1.66 -8.98
N VAL C 158 -37.00 -1.24 -7.73
CA VAL C 158 -37.71 -0.05 -7.30
C VAL C 158 -36.78 0.93 -6.63
N GLN C 159 -36.93 2.20 -6.95
CA GLN C 159 -36.06 3.25 -6.48
C GLN C 159 -36.29 3.57 -5.01
N VAL C 160 -35.19 3.58 -4.25
CA VAL C 160 -35.18 3.99 -2.89
C VAL C 160 -35.45 5.53 -2.79
N GLN C 161 -36.47 5.91 -1.98
CA GLN C 161 -36.89 7.33 -1.84
C GLN C 161 -35.96 8.13 -0.93
N LEU C 162 -34.81 8.39 -1.45
CA LEU C 162 -33.80 9.16 -0.74
C LEU C 162 -33.52 10.40 -1.57
N ASP C 163 -33.00 11.44 -0.95
CA ASP C 163 -32.86 12.73 -1.63
C ASP C 163 -31.49 13.33 -1.35
N VAL C 164 -30.57 12.46 -1.18
CA VAL C 164 -29.12 12.75 -1.13
C VAL C 164 -28.34 11.68 -1.90
N PRO C 165 -27.35 11.99 -2.62
CA PRO C 165 -26.64 10.99 -3.42
C PRO C 165 -25.97 9.96 -2.52
N VAL C 166 -26.02 8.72 -2.90
CA VAL C 166 -25.40 7.60 -2.20
C VAL C 166 -24.11 7.18 -2.92
N VAL C 167 -23.02 6.99 -2.18
CA VAL C 167 -21.78 6.55 -2.82
C VAL C 167 -21.47 5.09 -2.60
N LYS C 168 -22.08 4.41 -1.65
CA LYS C 168 -21.87 2.98 -1.44
C LYS C 168 -23.11 2.27 -0.90
N VAL C 169 -23.36 1.07 -1.38
CA VAL C 169 -24.44 0.22 -0.88
C VAL C 169 -23.82 -1.06 -0.32
N ALA C 170 -24.37 -1.58 0.76
CA ALA C 170 -23.99 -2.87 1.31
C ALA C 170 -25.21 -3.58 1.89
N SER C 171 -25.24 -4.89 1.78
CA SER C 171 -26.37 -5.68 2.25
C SER C 171 -25.94 -6.72 3.29
N GLY C 172 -26.77 -6.88 4.31
CA GLY C 172 -26.69 -8.09 5.16
C GLY C 172 -27.74 -9.07 4.61
N ASN C 173 -28.12 -10.04 5.42
CA ASN C 173 -29.16 -10.98 4.96
C ASN C 173 -30.46 -10.24 4.67
N ASP C 174 -30.92 -9.46 5.62
CA ASP C 174 -32.21 -8.76 5.49
C ASP C 174 -32.17 -7.31 5.82
N HIS C 175 -31.03 -6.63 5.54
CA HIS C 175 -30.96 -5.20 5.77
C HIS C 175 -30.09 -4.54 4.67
N LEU C 176 -30.32 -3.27 4.47
CA LEU C 176 -29.54 -2.52 3.47
C LEU C 176 -28.97 -1.27 4.08
N VAL C 177 -27.69 -0.99 3.85
CA VAL C 177 -27.07 0.22 4.32
C VAL C 177 -26.56 1.04 3.10
N MET C 178 -26.76 2.33 3.19
CA MET C 178 -26.43 3.27 2.15
C MET C 178 -25.61 4.42 2.73
N LEU C 179 -24.34 4.50 2.30
CA LEU C 179 -23.46 5.57 2.73
C LEU C 179 -23.56 6.77 1.79
N THR C 180 -23.97 7.92 2.27
CA THR C 180 -24.11 9.09 1.39
C THR C 180 -22.76 9.76 1.11
N ALA C 181 -22.77 10.67 0.12
CA ALA C 181 -21.57 11.43 -0.20
C ALA C 181 -21.09 12.24 0.99
N ASP C 182 -22.02 12.73 1.82
CA ASP C 182 -21.65 13.51 2.98
C ASP C 182 -21.30 12.65 4.19
N GLY C 183 -21.36 11.34 4.07
CA GLY C 183 -20.93 10.46 5.15
C GLY C 183 -22.01 10.12 6.14
N ASP C 184 -23.28 10.29 5.72
CA ASP C 184 -24.38 9.77 6.56
C ASP C 184 -24.63 8.31 6.22
N LEU C 185 -25.05 7.52 7.19
CA LEU C 185 -25.37 6.13 6.97
C LEU C 185 -26.87 5.86 7.10
N TYR C 186 -27.53 5.67 5.96
CA TYR C 186 -28.97 5.34 5.99
C TYR C 186 -29.15 3.85 5.98
N THR C 187 -30.09 3.34 6.82
CA THR C 187 -30.31 1.91 6.88
C THR C 187 -31.81 1.58 6.82
N LEU C 188 -32.14 0.44 6.26
CA LEU C 188 -33.52 -0.03 6.23
C LEU C 188 -33.61 -1.53 6.11
N GLY C 189 -34.73 -2.11 6.56
CA GLY C 189 -34.94 -3.55 6.47
C GLY C 189 -35.27 -4.16 7.83
N CYS C 190 -34.85 -5.41 7.99
CA CYS C 190 -35.04 -6.09 9.29
C CYS C 190 -34.10 -5.52 10.33
N GLY C 191 -34.61 -5.15 11.50
CA GLY C 191 -33.83 -4.50 12.53
C GLY C 191 -33.90 -5.30 13.86
N GLU C 192 -34.31 -6.52 13.75
CA GLU C 192 -34.61 -7.41 14.87
C GLU C 192 -33.41 -7.73 15.75
N GLN C 193 -32.20 -7.68 15.18
CA GLN C 193 -30.99 -7.89 15.98
C GLN C 193 -30.20 -6.63 16.19
N GLY C 194 -30.72 -5.46 15.82
CA GLY C 194 -30.07 -4.20 15.99
C GLY C 194 -29.23 -3.77 14.76
N GLN C 195 -29.29 -4.52 13.70
CA GLN C 195 -28.56 -4.29 12.48
C GLN C 195 -28.82 -3.01 11.75
N LEU C 196 -29.90 -2.29 12.06
CA LEU C 196 -30.15 -0.98 11.49
C LEU C 196 -29.46 0.13 12.26
N GLY C 197 -29.12 -0.14 13.53
CA GLY C 197 -28.44 0.74 14.39
C GLY C 197 -29.21 1.99 14.76
N ARG C 198 -30.56 1.91 14.67
CA ARG C 198 -31.34 3.15 14.87
C ARG C 198 -32.72 2.81 15.40
N VAL C 199 -32.93 1.55 15.77
CA VAL C 199 -34.18 1.06 16.29
C VAL C 199 -33.98 0.49 17.71
N PRO C 200 -34.67 1.07 18.66
CA PRO C 200 -34.69 0.52 20.02
C PRO C 200 -35.18 -0.91 20.01
N GLU C 201 -34.69 -1.73 20.95
CA GLU C 201 -35.43 -2.95 21.21
C GLU C 201 -36.82 -2.64 21.84
N LEU C 202 -37.08 -2.29 21.57
CA LEU C 202 -38.51 -2.39 22.04
C LEU C 202 -39.28 -2.15 20.74
N PHE C 203 -39.27 -2.42 19.89
CA PHE C 203 -39.89 -2.11 18.64
C PHE C 203 -39.14 -2.76 17.48
N ALA C 204 -38.35 -3.78 17.77
CA ALA C 204 -37.56 -4.46 16.74
C ALA C 204 -38.32 -5.61 16.11
N ASN C 205 -39.47 -5.98 16.71
CA ASN C 205 -40.30 -7.03 16.10
C ASN C 205 -41.26 -6.38 15.09
N ARG C 206 -40.79 -6.12 13.89
CA ARG C 206 -41.59 -5.50 12.84
C ARG C 206 -42.04 -4.10 13.22
N GLY C 207 -41.28 -3.42 14.05
CA GLY C 207 -41.59 -2.14 14.61
C GLY C 207 -42.61 -2.18 15.73
N GLY C 208 -43.07 -3.35 16.16
CA GLY C 208 -44.09 -3.39 17.23
C GLY C 208 -45.38 -2.68 16.78
N ARG C 209 -45.86 -1.76 17.61
CA ARG C 209 -47.07 -1.01 17.37
C ARG C 209 -46.94 -0.01 16.23
N GLN C 210 -45.70 0.43 15.97
CA GLN C 210 -45.44 1.45 14.98
C GLN C 210 -45.35 0.86 13.58
N GLY C 211 -45.36 -0.46 13.50
CA GLY C 211 -45.34 -1.18 12.26
C GLY C 211 -44.08 -0.87 11.45
N LEU C 212 -44.01 -1.54 10.32
CA LEU C 212 -42.90 -1.59 9.43
C LEU C 212 -42.35 -0.30 8.92
N GLU C 213 -43.06 0.83 8.96
CA GLU C 213 -42.51 2.08 8.42
C GLU C 213 -41.34 2.59 9.26
N ARG C 214 -41.29 2.15 10.52
CA ARG C 214 -40.18 2.43 11.40
C ARG C 214 -38.93 1.61 11.04
N LEU C 215 -39.06 0.62 10.19
CA LEU C 215 -37.89 -0.14 9.74
C LEU C 215 -37.57 0.12 8.26
N LEU C 216 -38.59 0.37 7.44
CA LEU C 216 -38.41 0.36 6.00
C LEU C 216 -38.18 1.71 5.39
N VAL C 217 -38.59 2.80 6.01
CA VAL C 217 -38.33 4.14 5.50
C VAL C 217 -36.86 4.47 5.83
N PRO C 218 -36.09 4.78 4.81
CA PRO C 218 -34.70 5.14 4.98
C PRO C 218 -34.52 6.23 6.02
N LYS C 219 -33.79 5.92 7.09
CA LYS C 219 -33.40 6.89 8.08
C LYS C 219 -31.91 6.67 8.47
N CYS C 220 -31.33 7.73 8.98
CA CYS C 220 -29.88 7.75 9.17
C CYS C 220 -29.47 7.47 10.59
N VAL C 221 -28.34 6.75 10.71
CA VAL C 221 -27.75 6.45 12.02
C VAL C 221 -27.29 7.75 12.65
N MET C 222 -27.82 8.05 13.84
CA MET C 222 -27.49 9.29 14.53
C MET C 222 -26.75 9.05 15.83
N LEU C 223 -25.45 9.28 15.80
CA LEU C 223 -24.62 9.24 17.02
C LEU C 223 -24.14 10.63 17.34
N LYS C 224 -24.42 11.08 18.57
CA LYS C 224 -24.00 12.43 18.96
C LYS C 224 -22.48 12.48 19.02
N SER C 225 -21.89 13.17 18.04
CA SER C 225 -20.42 13.21 17.96
C SER C 225 -19.83 13.37 19.35
N ARG C 226 -18.76 12.66 19.65
CA ARG C 226 -18.04 12.93 20.92
C ARG C 226 -17.55 14.36 20.90
N GLY C 227 -16.62 14.75 21.75
CA GLY C 227 -16.20 16.16 21.82
C GLY C 227 -17.32 17.06 21.30
N SER C 228 -18.43 17.10 22.02
CA SER C 228 -19.69 17.59 21.59
C SER C 228 -19.73 18.34 20.27
N ARG C 229 -19.72 17.62 19.16
CA ARG C 229 -19.86 18.25 17.83
C ARG C 229 -21.29 18.05 17.35
N GLY C 230 -21.50 17.94 16.04
CA GLY C 230 -22.85 17.68 15.52
C GLY C 230 -23.21 16.20 15.69
N HIS C 231 -23.32 15.48 14.58
CA HIS C 231 -23.52 14.03 14.64
C HIS C 231 -22.39 13.35 13.86
N VAL C 232 -22.06 12.13 14.21
CA VAL C 232 -20.92 11.44 13.61
C VAL C 232 -21.18 11.05 12.17
N ARG C 233 -20.17 11.26 11.32
CA ARG C 233 -20.23 10.88 9.92
C ARG C 233 -19.15 9.87 9.55
N PHE C 234 -19.40 9.08 8.51
CA PHE C 234 -18.68 7.87 8.22
C PHE C 234 -17.98 7.88 6.88
N GLN C 235 -16.80 7.23 6.81
CA GLN C 235 -16.07 7.10 5.57
C GLN C 235 -16.27 5.76 4.90
N ASP C 236 -16.83 4.77 5.60
CA ASP C 236 -17.06 3.47 5.01
C ASP C 236 -18.04 2.66 5.84
N ALA C 237 -18.62 1.62 5.24
CA ALA C 237 -19.58 0.77 5.91
C ALA C 237 -19.68 -0.58 5.22
N PHE C 238 -19.83 -1.64 6.01
CA PHE C 238 -19.89 -2.99 5.56
C PHE C 238 -20.96 -3.77 6.34
N CYS C 239 -21.42 -4.87 5.80
CA CYS C 239 -22.37 -5.72 6.50
C CYS C 239 -21.89 -7.16 6.64
N GLY C 240 -22.36 -7.77 7.74
CA GLY C 240 -22.30 -9.21 7.93
C GLY C 240 -23.76 -9.70 7.76
N ALA C 241 -24.04 -10.93 8.10
CA ALA C 241 -25.42 -11.44 7.88
C ALA C 241 -26.42 -10.62 8.66
N TYR C 242 -26.19 -10.37 9.95
CA TYR C 242 -27.13 -9.71 10.83
C TYR C 242 -26.51 -8.59 11.63
N PHE C 243 -25.47 -7.95 11.08
CA PHE C 243 -24.75 -6.92 11.77
C PHE C 243 -24.07 -5.97 10.78
N THR C 244 -23.68 -4.82 11.25
CA THR C 244 -23.09 -3.77 10.40
C THR C 244 -21.88 -3.17 11.08
N PHE C 245 -20.86 -2.86 10.30
CA PHE C 245 -19.68 -2.15 10.74
C PHE C 245 -19.57 -0.81 10.00
N ALA C 246 -19.27 0.25 10.73
CA ALA C 246 -19.17 1.58 10.09
C ALA C 246 -17.94 2.32 10.60
N ILE C 247 -17.12 2.82 9.68
CA ILE C 247 -15.88 3.52 10.07
C ILE C 247 -16.07 5.02 10.02
N SER C 248 -15.89 5.72 11.13
CA SER C 248 -16.13 7.16 11.18
C SER C 248 -15.01 7.89 10.44
N HIS C 249 -15.23 9.17 10.21
CA HIS C 249 -14.24 10.01 9.52
C HIS C 249 -12.93 10.05 10.37
N GLU C 250 -13.08 9.82 11.71
CA GLU C 250 -11.90 9.71 12.63
C GLU C 250 -11.37 8.30 12.57
N GLY C 251 -11.90 7.53 11.71
CA GLY C 251 -11.51 6.15 11.74
C GLY C 251 -11.81 5.21 12.87
N HIS C 252 -12.70 5.61 13.72
CA HIS C 252 -13.14 4.69 14.76
C HIS C 252 -14.06 3.69 14.11
N VAL C 253 -13.99 2.42 14.53
CA VAL C 253 -14.87 1.39 14.02
C VAL C 253 -16.09 1.23 14.94
N TYR C 254 -17.28 1.39 14.36
CA TYR C 254 -18.52 1.18 15.11
C TYR C 254 -19.19 -0.10 14.66
N GLY C 255 -19.93 -0.75 15.55
CA GLY C 255 -20.61 -2.00 15.23
C GLY C 255 -22.02 -2.00 15.85
N PHE C 256 -22.95 -2.55 15.09
CA PHE C 256 -24.32 -2.74 15.58
C PHE C 256 -24.94 -3.97 14.97
N GLY C 257 -25.80 -4.66 15.73
CA GLY C 257 -26.41 -5.89 15.25
C GLY C 257 -26.06 -7.10 16.13
N LEU C 258 -26.28 -8.26 15.60
CA LEU C 258 -26.08 -9.53 16.29
C LEU C 258 -24.63 -9.74 16.72
N SER C 259 -24.45 -10.04 18.02
CA SER C 259 -23.12 -10.47 18.50
C SER C 259 -23.24 -11.64 19.45
N ASN C 260 -24.03 -12.64 19.09
CA ASN C 260 -24.33 -13.74 20.00
C ASN C 260 -23.14 -14.66 20.18
N TYR C 261 -22.20 -14.60 19.25
CA TYR C 261 -20.94 -15.31 19.35
C TYR C 261 -19.76 -14.35 19.34
N HIS C 262 -19.98 -13.11 19.74
CA HIS C 262 -18.98 -12.08 19.79
C HIS C 262 -18.47 -11.66 18.42
N GLN C 263 -19.26 -11.88 17.37
CA GLN C 263 -18.87 -11.53 16.01
C GLN C 263 -18.66 -10.05 15.77
N LEU C 264 -19.19 -9.15 16.60
CA LEU C 264 -19.00 -7.74 16.46
C LEU C 264 -17.70 -7.27 17.15
N GLY C 265 -17.09 -8.15 17.92
CA GLY C 265 -15.83 -7.77 18.60
C GLY C 265 -16.17 -7.06 19.92
N THR C 266 -17.23 -7.55 20.56
CA THR C 266 -17.70 -7.05 21.84
C THR C 266 -17.61 -8.14 22.90
N PRO C 267 -17.43 -7.76 24.15
CA PRO C 267 -17.29 -8.68 25.25
C PRO C 267 -18.47 -9.57 25.53
N GLY C 268 -19.70 -9.06 25.50
CA GLY C 268 -20.89 -9.86 25.77
C GLY C 268 -21.52 -10.42 24.51
N THR C 269 -22.54 -11.27 24.65
CA THR C 269 -23.19 -11.91 23.53
C THR C 269 -24.57 -11.33 23.26
N GLU C 270 -24.78 -10.10 23.66
CA GLU C 270 -26.10 -9.46 23.51
C GLU C 270 -26.15 -8.64 22.24
N SER C 271 -27.22 -8.81 21.45
CA SER C 271 -27.36 -7.98 20.24
C SER C 271 -27.21 -6.52 20.60
N CYS C 272 -26.55 -5.76 19.74
CA CYS C 272 -26.31 -4.36 19.94
C CYS C 272 -27.27 -3.50 19.09
N PHE C 273 -28.23 -2.87 19.76
CA PHE C 273 -29.24 -2.06 19.08
C PHE C 273 -28.76 -0.65 18.88
N ILE C 274 -27.81 -0.21 19.70
CA ILE C 274 -27.19 1.12 19.57
C ILE C 274 -25.75 0.91 19.07
N PRO C 275 -25.31 1.67 18.11
CA PRO C 275 -23.94 1.57 17.60
C PRO C 275 -22.91 1.65 18.72
N GLN C 276 -21.92 0.73 18.70
CA GLN C 276 -20.92 0.71 19.77
C GLN C 276 -19.60 1.17 19.16
N ASN C 277 -18.82 1.91 19.98
CA ASN C 277 -17.39 2.14 19.45
C ASN C 277 -16.54 0.93 19.83
N LEU C 278 -16.10 0.16 18.85
CA LEU C 278 -15.46 -1.12 19.11
C LEU C 278 -13.99 -0.93 19.47
N THR C 279 -13.71 -0.87 20.78
CA THR C 279 -12.35 -0.64 21.25
C THR C 279 -11.42 -1.77 20.85
N SER C 280 -11.96 -2.97 20.68
CA SER C 280 -11.18 -4.11 20.20
C SER C 280 -10.52 -3.87 18.85
N PHE C 281 -11.03 -2.94 18.04
CA PHE C 281 -10.39 -2.60 16.79
C PHE C 281 -9.44 -1.42 16.85
N LYS C 282 -9.34 -0.76 18.00
CA LYS C 282 -8.47 0.41 18.12
C LYS C 282 -7.00 0.02 18.09
N ASN C 283 -6.30 0.39 17.02
CA ASN C 283 -4.87 0.08 16.91
C ASN C 283 -4.11 1.09 16.08
N SER C 284 -2.97 1.53 16.62
CA SER C 284 -2.09 2.47 15.97
C SER C 284 -1.45 1.98 14.70
N THR C 285 -1.25 0.68 14.54
CA THR C 285 -0.60 0.11 13.38
C THR C 285 -1.52 -0.62 12.43
N LYS C 286 -2.78 -0.81 12.79
CA LYS C 286 -3.73 -1.53 11.94
C LYS C 286 -4.80 -0.57 11.41
N SER C 287 -4.76 -0.28 10.12
CA SER C 287 -5.83 0.51 9.52
C SER C 287 -6.87 -0.41 8.88
N TRP C 288 -8.08 -0.39 9.43
CA TRP C 288 -9.16 -1.25 8.99
C TRP C 288 -9.75 -0.84 7.68
N VAL C 289 -9.67 -1.73 6.68
CA VAL C 289 -10.07 -1.42 5.34
C VAL C 289 -11.24 -2.28 4.84
N GLY C 290 -11.37 -3.49 5.35
CA GLY C 290 -12.45 -4.37 4.82
C GLY C 290 -13.04 -5.23 5.90
N PHE C 291 -14.37 -5.45 5.84
CA PHE C 291 -15.09 -6.26 6.78
C PHE C 291 -16.11 -7.16 6.01
N SER C 292 -16.38 -8.29 6.58
CA SER C 292 -17.33 -9.26 6.02
C SER C 292 -17.79 -10.17 7.18
N GLY C 293 -18.94 -10.81 7.01
CA GLY C 293 -19.45 -11.62 8.13
C GLY C 293 -20.54 -12.57 7.66
N GLY C 294 -20.48 -13.82 8.12
CA GLY C 294 -21.54 -14.79 7.83
C GLY C 294 -22.57 -14.65 8.99
N GLN C 295 -23.27 -15.72 9.31
CA GLN C 295 -24.25 -15.59 10.42
C GLN C 295 -23.54 -15.24 11.72
N HIS C 296 -22.47 -15.98 12.03
CA HIS C 296 -21.93 -16.00 13.39
C HIS C 296 -20.45 -15.69 13.45
N HIS C 297 -19.89 -15.25 12.32
CA HIS C 297 -18.45 -14.94 12.31
C HIS C 297 -18.16 -13.77 11.38
N THR C 298 -17.01 -13.14 11.61
CA THR C 298 -16.59 -11.97 10.87
C THR C 298 -15.14 -12.15 10.39
N VAL C 299 -14.90 -11.84 9.12
CA VAL C 299 -13.50 -11.80 8.64
C VAL C 299 -13.21 -10.39 8.18
N CYS C 300 -12.12 -9.80 8.63
CA CYS C 300 -11.82 -8.41 8.27
C CYS C 300 -10.34 -8.28 7.90
N MET C 301 -9.98 -7.13 7.36
CA MET C 301 -8.59 -6.95 6.92
C MET C 301 -8.11 -5.53 7.10
N ASP C 302 -6.80 -5.42 7.40
CA ASP C 302 -6.17 -4.12 7.54
C ASP C 302 -5.48 -3.71 6.24
N SER C 303 -4.88 -2.52 6.25
CA SER C 303 -4.20 -1.96 5.11
C SER C 303 -2.89 -2.63 4.76
N GLU C 304 -2.41 -3.55 5.59
CA GLU C 304 -1.11 -4.18 5.40
C GLU C 304 -1.15 -5.62 4.98
N GLY C 305 -2.20 -6.06 4.31
CA GLY C 305 -2.27 -7.36 3.69
C GLY C 305 -2.55 -8.47 4.70
N LYS C 306 -3.18 -8.11 5.82
CA LYS C 306 -3.45 -9.10 6.88
C LYS C 306 -4.93 -9.26 7.14
N ALA C 307 -5.37 -10.50 7.29
CA ALA C 307 -6.77 -10.79 7.59
C ALA C 307 -6.95 -11.35 8.99
N TYR C 308 -8.09 -10.98 9.60
CA TYR C 308 -8.36 -11.32 11.00
C TYR C 308 -9.80 -11.87 11.08
N SER C 309 -10.03 -12.75 12.05
CA SER C 309 -11.38 -13.30 12.20
C SER C 309 -11.82 -13.24 13.66
N LEU C 310 -13.15 -13.29 13.85
CA LEU C 310 -13.69 -13.29 15.22
C LEU C 310 -15.10 -13.87 15.19
N GLY C 311 -15.58 -14.31 16.35
CA GLY C 311 -16.88 -14.94 16.44
C GLY C 311 -16.80 -16.45 16.63
N ARG C 312 -17.83 -17.15 16.23
CA ARG C 312 -17.98 -18.58 16.46
C ARG C 312 -16.90 -19.39 15.78
N ALA C 313 -16.38 -20.41 16.47
CA ALA C 313 -15.33 -21.25 15.91
C ALA C 313 -15.79 -22.52 15.27
N GLU C 314 -16.99 -23.02 15.60
CA GLU C 314 -17.45 -24.29 15.07
C GLU C 314 -17.28 -24.41 13.57
N TYR C 315 -16.86 -25.57 13.12
CA TYR C 315 -16.65 -25.96 11.78
C TYR C 315 -15.50 -25.27 11.06
N GLY C 316 -14.63 -24.58 11.75
CA GLY C 316 -13.43 -24.03 11.15
C GLY C 316 -13.60 -22.68 10.49
N ARG C 317 -14.73 -22.01 10.71
CA ARG C 317 -15.02 -20.72 10.08
C ARG C 317 -14.08 -19.60 10.41
N LEU C 318 -13.30 -19.68 11.49
CA LEU C 318 -12.33 -18.62 11.81
C LEU C 318 -11.02 -18.77 11.07
N GLY C 319 -10.72 -19.92 10.52
CA GLY C 319 -9.48 -20.12 9.78
C GLY C 319 -8.24 -20.00 10.65
N LEU C 320 -8.38 -20.36 11.93
CA LEU C 320 -7.30 -20.17 12.89
C LEU C 320 -6.65 -21.50 13.28
N GLY C 321 -6.99 -22.57 12.60
CA GLY C 321 -6.50 -23.89 12.83
C GLY C 321 -7.41 -24.77 13.66
N GLU C 322 -7.08 -26.06 13.72
CA GLU C 322 -7.82 -27.05 14.46
C GLU C 322 -7.92 -26.69 15.95
N GLY C 323 -9.07 -27.01 16.54
CA GLY C 323 -9.30 -26.75 17.96
C GLY C 323 -9.42 -25.28 18.28
N ALA C 324 -9.55 -24.42 17.26
CA ALA C 324 -9.77 -23.00 17.52
C ALA C 324 -11.01 -22.86 18.42
N GLU C 325 -11.00 -21.85 19.28
CA GLU C 325 -12.16 -21.56 20.11
C GLU C 325 -12.69 -20.16 19.83
N GLU C 326 -13.96 -19.95 20.19
CA GLU C 326 -14.62 -18.67 20.00
C GLU C 326 -13.75 -17.48 20.30
N LYS C 327 -13.73 -16.47 19.41
CA LYS C 327 -12.99 -15.25 19.62
C LYS C 327 -13.87 -14.02 19.73
N SER C 328 -13.41 -13.03 20.49
CA SER C 328 -14.14 -11.79 20.66
C SER C 328 -13.35 -10.56 20.33
N ILE C 329 -12.15 -10.74 19.75
CA ILE C 329 -11.33 -9.65 19.27
C ILE C 329 -10.73 -10.13 17.90
N PRO C 330 -10.53 -9.20 17.01
CA PRO C 330 -10.00 -9.55 15.68
C PRO C 330 -8.69 -10.33 15.83
N THR C 331 -8.66 -11.53 15.29
CA THR C 331 -7.55 -12.48 15.54
C THR C 331 -6.83 -12.81 14.24
N LEU C 332 -5.56 -12.46 14.13
CA LEU C 332 -4.78 -12.68 12.92
C LEU C 332 -4.90 -14.08 12.38
N ILE C 333 -5.21 -14.19 11.09
CA ILE C 333 -5.14 -15.44 10.34
C ILE C 333 -3.75 -15.51 9.65
N SER C 334 -2.81 -16.14 10.36
CA SER C 334 -1.41 -16.09 9.94
C SER C 334 -1.13 -16.91 8.71
N ARG C 335 -1.86 -17.99 8.47
CA ARG C 335 -1.64 -18.89 7.36
C ARG C 335 -2.22 -18.40 6.03
N LEU C 336 -1.92 -17.20 5.60
CA LEU C 336 -2.34 -16.68 4.32
C LEU C 336 -1.18 -15.83 3.73
N PRO C 337 -1.09 -15.84 2.42
CA PRO C 337 -0.21 -14.89 1.71
C PRO C 337 -0.79 -13.49 1.94
N ALA C 338 -0.09 -12.45 1.51
CA ALA C 338 -0.58 -11.09 1.65
C ALA C 338 -2.00 -11.01 1.02
N VAL C 339 -2.91 -10.40 1.76
CA VAL C 339 -4.34 -10.44 1.38
C VAL C 339 -4.77 -9.14 0.74
N SER C 340 -5.62 -9.21 -0.30
CA SER C 340 -6.15 -8.01 -0.93
C SER C 340 -7.64 -7.79 -0.64
N SER C 341 -8.38 -8.87 -0.40
CA SER C 341 -9.81 -8.71 -0.05
C SER C 341 -10.30 -9.93 0.72
N VAL C 342 -11.39 -9.76 1.49
CA VAL C 342 -11.94 -10.87 2.24
C VAL C 342 -13.47 -10.98 2.01
N ALA C 343 -14.01 -12.14 2.29
CA ALA C 343 -15.48 -12.32 2.16
C ALA C 343 -15.91 -13.46 3.08
N CYS C 344 -17.20 -13.52 3.39
CA CYS C 344 -17.76 -14.63 4.14
C CYS C 344 -19.01 -15.16 3.41
N GLY C 345 -19.25 -16.44 3.54
CA GLY C 345 -20.57 -17.03 3.26
C GLY C 345 -21.23 -17.32 4.61
N ALA C 346 -22.32 -18.12 4.60
CA ALA C 346 -23.05 -18.31 5.85
C ALA C 346 -22.12 -18.79 6.97
N SER C 347 -21.35 -19.82 6.66
CA SER C 347 -20.51 -20.48 7.65
C SER C 347 -19.10 -20.71 7.09
N VAL C 348 -18.68 -19.90 6.14
CA VAL C 348 -17.39 -20.09 5.46
C VAL C 348 -16.67 -18.74 5.30
N GLY C 349 -15.35 -18.80 5.18
CA GLY C 349 -14.57 -17.55 5.04
C GLY C 349 -13.60 -17.65 3.88
N TYR C 350 -13.28 -16.51 3.26
CA TYR C 350 -12.37 -16.46 2.15
C TYR C 350 -11.43 -15.26 2.23
N ALA C 351 -10.29 -15.40 1.54
CA ALA C 351 -9.36 -14.31 1.35
C ALA C 351 -8.74 -14.43 -0.06
N VAL C 352 -8.85 -13.33 -0.79
CA VAL C 352 -8.17 -13.22 -2.08
C VAL C 352 -6.79 -12.58 -1.81
N THR C 353 -5.76 -13.13 -2.43
CA THR C 353 -4.41 -12.61 -2.13
C THR C 353 -4.01 -11.56 -3.12
N LYS C 354 -2.98 -10.78 -2.76
CA LYS C 354 -2.47 -9.76 -3.69
C LYS C 354 -1.89 -10.38 -4.95
N ASP C 355 -1.47 -11.63 -4.91
CA ASP C 355 -0.92 -12.30 -6.06
C ASP C 355 -1.95 -13.06 -6.87
N GLY C 356 -3.24 -12.91 -6.54
CA GLY C 356 -4.30 -13.41 -7.41
C GLY C 356 -4.77 -14.79 -7.10
N ARG C 357 -4.51 -15.29 -5.90
CA ARG C 357 -5.01 -16.58 -5.46
C ARG C 357 -6.20 -16.41 -4.50
N VAL C 358 -6.90 -17.49 -4.23
CA VAL C 358 -8.03 -17.44 -3.31
C VAL C 358 -8.02 -18.63 -2.36
N PHE C 359 -8.12 -18.33 -1.08
CA PHE C 359 -8.12 -19.34 -0.02
C PHE C 359 -9.51 -19.40 0.61
N ALA C 360 -9.90 -20.55 1.12
CA ALA C 360 -11.18 -20.79 1.73
C ALA C 360 -11.02 -21.55 3.05
N TRP C 361 -11.97 -21.41 3.93
CA TRP C 361 -12.01 -22.19 5.18
C TRP C 361 -13.41 -22.19 5.75
N GLY C 362 -13.69 -23.14 6.64
CA GLY C 362 -14.99 -23.23 7.28
C GLY C 362 -15.74 -24.50 6.88
N MET C 363 -17.06 -24.43 7.02
CA MET C 363 -17.92 -25.59 6.79
C MET C 363 -17.86 -26.09 5.37
N GLY C 364 -17.66 -27.41 5.20
CA GLY C 364 -17.43 -27.99 3.91
C GLY C 364 -18.67 -28.58 3.24
N THR C 365 -19.73 -28.82 3.98
CA THR C 365 -20.89 -29.55 3.48
C THR C 365 -21.28 -29.21 2.05
N ASN C 366 -21.48 -27.93 1.79
CA ASN C 366 -22.03 -27.44 0.53
C ASN C 366 -21.07 -27.46 -0.62
N TYR C 367 -19.81 -27.77 -0.37
CA TYR C 367 -18.78 -27.82 -1.38
C TYR C 367 -18.28 -26.45 -1.80
N GLN C 368 -18.58 -25.43 -1.01
CA GLN C 368 -18.16 -24.08 -1.23
C GLN C 368 -16.65 -23.88 -1.15
N LEU C 369 -15.95 -24.78 -0.45
CA LEU C 369 -14.52 -24.59 -0.20
C LEU C 369 -13.66 -24.79 -1.42
N GLY C 370 -14.13 -25.56 -2.41
CA GLY C 370 -13.42 -25.74 -3.65
C GLY C 370 -12.26 -26.72 -3.50
N THR C 371 -12.32 -27.53 -2.46
CA THR C 371 -11.29 -28.55 -2.21
C THR C 371 -11.56 -29.76 -3.11
N GLY C 372 -12.83 -29.95 -3.43
CA GLY C 372 -13.27 -31.16 -4.14
C GLY C 372 -13.92 -32.12 -3.14
N GLN C 373 -13.82 -31.79 -1.87
CA GLN C 373 -14.37 -32.56 -0.79
C GLN C 373 -15.37 -31.75 0.04
N ASP C 374 -16.10 -32.44 0.90
CA ASP C 374 -17.12 -31.83 1.73
C ASP C 374 -16.72 -31.78 3.19
N GLU C 375 -15.44 -31.97 3.47
CA GLU C 375 -14.93 -31.88 4.84
C GLU C 375 -14.70 -30.42 5.24
N ASP C 376 -14.90 -30.12 6.51
CA ASP C 376 -14.66 -28.74 6.99
C ASP C 376 -13.17 -28.42 6.85
N ALA C 377 -12.84 -27.14 6.74
CA ALA C 377 -11.41 -26.75 6.72
C ALA C 377 -11.15 -25.76 7.84
N TRP C 378 -10.33 -26.16 8.84
CA TRP C 378 -10.15 -25.29 10.00
C TRP C 378 -9.03 -24.28 9.78
N SER C 379 -8.25 -24.46 8.76
CA SER C 379 -7.21 -23.54 8.30
C SER C 379 -7.49 -23.21 6.82
N PRO C 380 -6.98 -22.09 6.34
CA PRO C 380 -7.20 -21.70 4.95
C PRO C 380 -6.60 -22.69 3.97
N VAL C 381 -7.38 -23.09 2.97
CA VAL C 381 -6.93 -23.99 1.93
C VAL C 381 -7.04 -23.29 0.55
N GLU C 382 -5.99 -23.39 -0.23
CA GLU C 382 -5.95 -22.73 -1.52
C GLU C 382 -6.91 -23.39 -2.50
N MET C 383 -7.74 -22.58 -3.14
CA MET C 383 -8.67 -23.08 -4.15
C MET C 383 -7.93 -23.31 -5.47
N MET C 384 -8.04 -24.52 -6.00
CA MET C 384 -7.38 -24.84 -7.28
C MET C 384 -8.45 -25.36 -8.24
N GLY C 385 -8.06 -25.73 -9.45
CA GLY C 385 -9.02 -26.25 -10.43
C GLY C 385 -8.64 -25.75 -11.82
N LYS C 386 -9.14 -26.42 -12.85
CA LYS C 386 -8.83 -26.07 -14.23
C LYS C 386 -9.22 -24.66 -14.61
N GLN C 387 -10.31 -24.13 -14.05
CA GLN C 387 -10.76 -22.78 -14.37
C GLN C 387 -9.93 -21.70 -13.70
N LEU C 388 -9.18 -22.06 -12.66
CA LEU C 388 -8.37 -21.09 -11.94
C LEU C 388 -6.93 -21.07 -12.46
N GLU C 389 -6.55 -22.14 -13.15
CA GLU C 389 -5.21 -22.21 -13.75
C GLU C 389 -5.04 -21.06 -14.75
N ASN C 390 -3.87 -20.43 -14.72
CA ASN C 390 -3.51 -19.36 -15.62
C ASN C 390 -4.45 -18.17 -15.51
N ARG C 391 -5.01 -17.96 -14.32
CA ARG C 391 -5.92 -16.83 -14.11
C ARG C 391 -5.66 -16.22 -12.73
N VAL C 392 -6.01 -14.96 -12.57
CA VAL C 392 -5.90 -14.32 -11.25
C VAL C 392 -7.31 -13.99 -10.74
N VAL C 393 -7.51 -14.26 -9.47
CA VAL C 393 -8.78 -13.98 -8.80
C VAL C 393 -8.86 -12.51 -8.42
N LEU C 394 -9.91 -11.85 -8.91
CA LEU C 394 -10.17 -10.47 -8.62
C LEU C 394 -11.05 -10.33 -7.37
N SER C 395 -12.01 -11.24 -7.22
CA SER C 395 -12.90 -11.15 -6.05
C SER C 395 -13.56 -12.48 -5.75
N VAL C 396 -14.09 -12.62 -4.54
CA VAL C 396 -14.82 -13.78 -4.11
C VAL C 396 -15.99 -13.32 -3.24
N SER C 397 -17.11 -14.01 -3.36
CA SER C 397 -18.32 -13.67 -2.61
C SER C 397 -19.04 -15.00 -2.31
N SER C 398 -19.74 -15.09 -1.20
CA SER C 398 -20.39 -16.35 -0.84
C SER C 398 -21.73 -16.15 -0.18
N GLY C 399 -22.65 -17.07 -0.44
CA GLY C 399 -23.99 -17.00 0.13
C GLY C 399 -24.24 -18.21 1.03
N GLY C 400 -25.48 -18.70 1.02
CA GLY C 400 -25.82 -19.82 1.91
C GLY C 400 -25.07 -21.07 1.53
N GLN C 401 -25.16 -21.51 0.28
CA GLN C 401 -24.63 -22.78 -0.16
C GLN C 401 -23.79 -22.73 -1.40
N HIS C 402 -23.47 -21.57 -1.94
CA HIS C 402 -22.67 -21.42 -3.13
C HIS C 402 -21.65 -20.26 -2.97
N THR C 403 -20.71 -20.23 -3.89
CA THR C 403 -19.66 -19.20 -3.88
C THR C 403 -19.41 -18.73 -5.29
N VAL C 404 -19.11 -17.45 -5.46
CA VAL C 404 -18.97 -16.83 -6.75
C VAL C 404 -17.60 -16.12 -6.84
N LEU C 405 -16.86 -16.42 -7.88
CA LEU C 405 -15.55 -15.81 -8.09
C LEU C 405 -15.54 -14.90 -9.31
N LEU C 406 -14.80 -13.81 -9.25
CA LEU C 406 -14.52 -12.99 -10.43
C LEU C 406 -13.02 -13.10 -10.75
N VAL C 407 -12.71 -13.55 -11.96
CA VAL C 407 -11.32 -13.86 -12.31
C VAL C 407 -10.93 -13.18 -13.61
N LYS C 408 -9.64 -13.20 -13.91
CA LYS C 408 -9.12 -12.63 -15.16
C LYS C 408 -7.97 -13.49 -15.67
N ASP C 409 -7.76 -13.50 -16.98
CA ASP C 409 -6.61 -14.23 -17.54
C ASP C 409 -5.30 -13.55 -17.07
N LYS C 410 -4.42 -14.42 -16.56
CA LYS C 410 -3.14 -14.02 -15.89
C LYS C 410 -2.70 -12.63 -16.29
N GLU C 411 -3.21 -11.79 -15.45
CA GLU C 411 -3.08 -10.35 -15.43
C GLU C 411 -1.82 -9.79 -16.13
N GLN C 412 -2.00 -8.68 -16.90
CA GLN C 412 -0.93 -8.07 -17.78
C GLN C 412 -0.34 -6.77 -17.26
N SER C 413 -1.07 -6.07 -16.41
CA SER C 413 -0.58 -4.83 -15.81
C SER C 413 -0.99 -4.69 -14.36
#